data_4YXJ
#
_entry.id   4YXJ
#
_cell.length_a   108.250
_cell.length_b   108.250
_cell.length_c   166.400
_cell.angle_alpha   90.00
_cell.angle_beta   90.00
_cell.angle_gamma   90.00
#
_symmetry.space_group_name_H-M   'P 4 21 2'
#
loop_
_entity.id
_entity.type
_entity.pdbx_description
1 polymer 'DNA integrity scanning protein DisA'
2 non-polymer 'DIPHOSPHOMETHYLPHOSPHONIC ACID ADENOSYL ESTER'
3 water water
#
_entity_poly.entity_id   1
_entity_poly.type   'polypeptide(L)'
_entity_poly.pdbx_seq_one_letter_code
;MGSSHHHHHHSSGLVPRGSHMGVKSLVPQELIEKIKLISPGTELRKALDDIINANFGALIFLVDDPKKYEDVIQGGFWLD
TDFSAEKLYELSKMDGAIVLSEDITKIYYANVHLVPDPTIPTGETGTRHRTAERLAKQTGKVVIAVSRRRNIISLYYKNY
KYVVNQVDFLISKVTQAISTLEKYKDNFNKLLSELEVLELENRVTLADVVRTLAKGFELLRIVEEIRPYIVELGEEGRLA
RMQLRELTEDVDDLLVLLIMDYSSEEVEEETAQNILQDFITRREPSPISISRVLGYDVQQAAQLDDVLVSARGYRLLKTV
ARIPLSIGYNVVRMFKTLDQISKASVEDLKKVEGIGEKRARAISESISSLKHRKTSE
;
_entity_poly.pdbx_strand_id   A,B
#
loop_
_chem_comp.id
_chem_comp.type
_chem_comp.name
_chem_comp.formula
APC non-polymer 'DIPHOSPHOMETHYLPHOSPHONIC ACID ADENOSYL ESTER' 'C11 H18 N5 O12 P3'
#
# COMPACT_ATOMS: atom_id res chain seq x y z
N VAL A 27 24.50 10.03 16.62
CA VAL A 27 23.60 11.16 16.77
C VAL A 27 24.05 12.39 15.95
N PRO A 28 23.92 12.34 14.62
CA PRO A 28 24.27 13.57 13.89
C PRO A 28 23.37 14.75 14.29
N GLN A 29 23.96 15.95 14.41
CA GLN A 29 23.21 17.12 14.84
C GLN A 29 22.12 17.45 13.84
N GLU A 30 22.46 17.28 12.58
CA GLU A 30 21.54 17.51 11.49
C GLU A 30 20.27 16.68 11.69
N LEU A 31 20.43 15.47 12.23
CA LEU A 31 19.32 14.56 12.50
C LEU A 31 18.56 14.85 13.79
N ILE A 32 19.27 15.23 14.85
CA ILE A 32 18.62 15.56 16.12
C ILE A 32 17.60 16.69 15.94
N GLU A 33 17.95 17.68 15.11
CA GLU A 33 17.04 18.77 14.79
C GLU A 33 15.71 18.26 14.25
N LYS A 34 15.77 17.31 13.32
CA LYS A 34 14.56 16.77 12.74
C LYS A 34 13.79 16.01 13.81
N ILE A 35 14.51 15.38 14.74
CA ILE A 35 13.85 14.60 15.78
C ILE A 35 13.08 15.52 16.73
N LYS A 36 13.51 16.77 16.82
CA LYS A 36 12.82 17.73 17.67
C LYS A 36 11.41 17.89 17.16
N LEU A 37 11.28 17.89 15.83
CA LEU A 37 10.00 18.17 15.17
C LEU A 37 8.89 17.27 15.70
N ILE A 38 9.24 16.03 16.02
CA ILE A 38 8.23 15.10 16.48
C ILE A 38 8.43 14.73 17.92
N SER A 39 8.93 15.66 18.72
CA SER A 39 9.20 15.34 20.13
C SER A 39 8.01 15.75 21.00
N PRO A 40 7.84 15.06 22.13
CA PRO A 40 6.69 15.39 22.98
C PRO A 40 6.72 16.85 23.32
N GLY A 41 5.58 17.51 23.12
CA GLY A 41 5.51 18.96 23.25
C GLY A 41 5.07 19.65 21.98
N THR A 42 5.43 19.10 20.82
CA THR A 42 5.05 19.73 19.56
C THR A 42 3.63 19.40 19.14
N GLU A 43 3.02 20.34 18.42
CA GLU A 43 1.72 20.10 17.84
C GLU A 43 1.79 18.85 16.98
N LEU A 44 2.91 18.71 16.29
CA LEU A 44 3.09 17.60 15.39
C LEU A 44 3.05 16.26 16.15
N ARG A 45 3.74 16.13 17.29
CA ARG A 45 3.63 14.84 17.99
C ARG A 45 2.24 14.67 18.60
N LYS A 46 1.58 15.78 18.95
CA LYS A 46 0.20 15.70 19.41
C LYS A 46 -0.64 14.89 18.41
N ALA A 47 -0.61 15.32 17.16
CA ALA A 47 -1.37 14.68 16.11
C ALA A 47 -0.97 13.23 15.93
N LEU A 48 0.34 12.99 15.90
CA LEU A 48 0.87 11.65 15.68
C LEU A 48 0.44 10.69 16.78
N ASP A 49 0.41 11.18 18.02
CA ASP A 49 -0.02 10.34 19.11
C ASP A 49 -1.50 10.00 18.95
N ASP A 50 -2.29 11.02 18.65
CA ASP A 50 -3.71 10.78 18.37
C ASP A 50 -3.92 9.81 17.19
N ILE A 51 -3.08 9.92 16.15
CA ILE A 51 -3.17 9.01 15.02
C ILE A 51 -2.86 7.59 15.45
N ILE A 52 -1.77 7.41 16.19
CA ILE A 52 -1.40 6.10 16.72
C ILE A 52 -2.52 5.55 17.61
N ASN A 53 -3.04 6.40 18.49
CA ASN A 53 -4.10 5.98 19.38
C ASN A 53 -5.32 5.46 18.63
N ALA A 54 -5.51 6.00 17.44
CA ALA A 54 -6.71 5.73 16.65
C ALA A 54 -6.48 4.66 15.61
N ASN A 55 -5.23 4.20 15.51
CA ASN A 55 -4.82 3.20 14.52
C ASN A 55 -5.00 3.58 13.07
N PHE A 56 -5.03 4.87 12.77
CA PHE A 56 -4.89 5.29 11.38
C PHE A 56 -3.42 5.10 11.03
N GLY A 57 -3.10 4.97 9.76
CA GLY A 57 -1.68 4.99 9.41
C GLY A 57 -1.23 6.43 9.27
N ALA A 58 0.03 6.64 8.88
CA ALA A 58 0.45 7.97 8.49
C ALA A 58 1.67 7.91 7.60
N LEU A 59 1.70 8.80 6.63
CA LEU A 59 2.87 8.97 5.78
C LEU A 59 2.96 10.47 5.43
N ILE A 60 3.94 11.14 6.02
CA ILE A 60 4.08 12.57 5.91
C ILE A 60 5.41 12.98 5.25
N PHE A 61 5.31 13.88 4.28
CA PHE A 61 6.44 14.38 3.50
C PHE A 61 6.68 15.84 3.90
N LEU A 62 7.85 16.14 4.44
CA LEU A 62 8.18 17.52 4.85
C LEU A 62 8.96 18.22 3.77
N VAL A 63 8.38 19.27 3.24
CA VAL A 63 8.88 19.88 2.02
C VAL A 63 8.93 21.39 2.17
N ASP A 64 9.98 22.02 1.64
CA ASP A 64 10.04 23.47 1.72
C ASP A 64 9.26 24.06 0.55
N ASP A 65 9.57 23.55 -0.65
CA ASP A 65 9.01 24.08 -1.87
C ASP A 65 8.27 22.98 -2.62
N PRO A 66 6.96 22.91 -2.42
CA PRO A 66 6.13 21.86 -3.00
C PRO A 66 6.30 21.71 -4.51
N LYS A 67 6.43 22.81 -5.26
CA LYS A 67 6.48 22.73 -6.72
C LYS A 67 7.74 22.04 -7.23
N LYS A 68 8.83 22.17 -6.49
CA LYS A 68 10.07 21.52 -6.90
C LYS A 68 9.96 20.00 -6.71
N TYR A 69 8.99 19.55 -5.91
CA TYR A 69 8.82 18.12 -5.69
C TYR A 69 7.59 17.54 -6.38
N GLU A 70 7.03 18.28 -7.34
CA GLU A 70 5.81 17.84 -8.00
C GLU A 70 5.95 16.50 -8.73
N ASP A 71 7.17 16.10 -9.05
CA ASP A 71 7.35 14.86 -9.81
C ASP A 71 7.33 13.61 -8.92
N VAL A 72 7.39 13.77 -7.60
CA VAL A 72 7.22 12.62 -6.70
C VAL A 72 5.87 12.66 -5.99
N ILE A 73 5.11 13.73 -6.21
CA ILE A 73 3.76 13.84 -5.69
C ILE A 73 2.69 13.65 -6.77
N GLN A 74 1.85 12.63 -6.63
CA GLN A 74 0.77 12.40 -7.60
C GLN A 74 -0.59 12.39 -6.94
N GLY A 75 -1.58 12.95 -7.63
CA GLY A 75 -2.95 12.88 -7.18
C GLY A 75 -3.24 13.62 -5.88
N GLY A 76 -4.22 13.12 -5.13
CA GLY A 76 -4.59 13.75 -3.88
C GLY A 76 -5.24 15.12 -4.03
N PHE A 77 -5.17 15.90 -2.97
CA PHE A 77 -5.83 17.18 -2.90
C PHE A 77 -4.82 18.28 -2.57
N TRP A 78 -4.80 19.34 -3.37
CA TRP A 78 -4.07 20.56 -3.00
C TRP A 78 -4.86 21.32 -1.92
N LEU A 79 -4.25 21.56 -0.76
CA LEU A 79 -4.97 22.20 0.36
C LEU A 79 -4.44 23.58 0.68
N ASP A 80 -3.12 23.75 0.58
CA ASP A 80 -2.41 24.99 0.92
C ASP A 80 -3.00 25.70 2.13
N THR A 81 -3.12 24.98 3.24
CA THR A 81 -3.86 25.49 4.39
C THR A 81 -3.02 25.50 5.66
N ASP A 82 -3.43 26.27 6.65
CA ASP A 82 -2.67 26.40 7.89
C ASP A 82 -2.69 25.11 8.66
N PHE A 83 -1.53 24.72 9.16
CA PHE A 83 -1.40 23.49 9.93
C PHE A 83 -2.12 23.53 11.29
N SER A 84 -2.65 22.39 11.68
CA SER A 84 -3.02 22.16 13.06
C SER A 84 -2.99 20.66 13.31
N ALA A 85 -2.93 20.25 14.57
CA ALA A 85 -2.92 18.83 14.87
C ALA A 85 -4.28 18.19 14.54
N GLU A 86 -5.37 18.92 14.77
CA GLU A 86 -6.67 18.37 14.43
C GLU A 86 -6.80 18.12 12.94
N LYS A 87 -6.31 19.05 12.13
CA LYS A 87 -6.38 18.88 10.69
C LYS A 87 -5.54 17.68 10.22
N LEU A 88 -4.31 17.56 10.73
CA LEU A 88 -3.43 16.47 10.32
C LEU A 88 -4.08 15.14 10.65
N TYR A 89 -4.61 15.07 11.87
CA TYR A 89 -5.31 13.90 12.35
C TYR A 89 -6.48 13.52 11.43
N GLU A 90 -7.29 14.53 11.08
CA GLU A 90 -8.49 14.27 10.30
C GLU A 90 -8.07 13.85 8.89
N LEU A 91 -7.10 14.54 8.31
CA LEU A 91 -6.61 14.17 6.99
C LEU A 91 -6.01 12.77 6.99
N SER A 92 -5.55 12.31 8.14
CA SER A 92 -4.94 10.99 8.22
C SER A 92 -5.97 9.87 8.08
N LYS A 93 -7.24 10.23 8.00
CA LYS A 93 -8.24 9.20 7.88
C LYS A 93 -8.23 8.67 6.46
N MET A 94 -7.76 9.47 5.52
CA MET A 94 -7.69 9.02 4.12
C MET A 94 -6.42 8.20 3.86
N ASP A 95 -6.41 7.47 2.75
CA ASP A 95 -5.21 6.78 2.28
C ASP A 95 -4.11 7.74 1.80
N GLY A 96 -2.97 7.19 1.44
CA GLY A 96 -1.93 8.00 0.83
C GLY A 96 -1.19 8.85 1.84
N ALA A 97 -0.73 10.01 1.39
CA ALA A 97 0.25 10.77 2.17
C ALA A 97 -0.14 12.22 2.29
N ILE A 98 0.42 12.85 3.31
CA ILE A 98 0.20 14.24 3.56
C ILE A 98 1.52 14.97 3.33
N VAL A 99 1.47 16.17 2.75
CA VAL A 99 2.69 16.93 2.51
C VAL A 99 2.62 18.20 3.32
N LEU A 100 3.63 18.40 4.15
CA LEU A 100 3.71 19.57 5.02
C LEU A 100 4.90 20.43 4.67
N SER A 101 4.85 21.68 5.06
CA SER A 101 6.03 22.53 5.05
C SER A 101 6.97 22.06 6.15
N GLU A 102 8.27 22.29 5.93
CA GLU A 102 9.31 21.88 6.87
C GLU A 102 9.19 22.59 8.21
N ASP A 103 8.57 23.77 8.21
CA ASP A 103 8.40 24.49 9.47
C ASP A 103 7.06 24.11 10.11
N ILE A 104 6.36 23.16 9.50
CA ILE A 104 5.12 22.61 10.05
C ILE A 104 4.08 23.72 10.32
N THR A 105 3.95 24.64 9.37
CA THR A 105 2.97 25.69 9.47
C THR A 105 1.97 25.54 8.34
N LYS A 106 2.38 24.82 7.30
CA LYS A 106 1.51 24.64 6.16
C LYS A 106 1.26 23.16 5.88
N ILE A 107 -0.02 22.84 5.64
CA ILE A 107 -0.40 21.57 5.03
C ILE A 107 -0.65 21.84 3.55
N TYR A 108 0.17 21.25 2.70
CA TYR A 108 0.06 21.48 1.25
C TYR A 108 -0.86 20.46 0.56
N TYR A 109 -0.63 19.19 0.85
CA TYR A 109 -1.38 18.12 0.21
C TYR A 109 -1.98 17.15 1.21
N ALA A 110 -3.03 16.45 0.77
CA ALA A 110 -3.41 15.20 1.42
C ALA A 110 -3.77 14.16 0.37
N ASN A 111 -3.73 12.89 0.78
CA ASN A 111 -4.22 11.80 -0.04
C ASN A 111 -3.41 11.60 -1.31
N VAL A 112 -2.15 12.07 -1.32
CA VAL A 112 -1.32 11.91 -2.51
C VAL A 112 -0.57 10.57 -2.52
N HIS A 113 -0.21 10.17 -3.74
CA HIS A 113 0.55 8.97 -4.02
C HIS A 113 1.99 9.37 -4.24
N LEU A 114 2.89 8.92 -3.37
CA LEU A 114 4.30 9.32 -3.43
C LEU A 114 5.08 8.35 -4.31
N VAL A 115 5.83 8.86 -5.28
CA VAL A 115 6.48 7.96 -6.21
C VAL A 115 7.99 8.15 -6.25
N PRO A 116 8.69 7.64 -5.22
CA PRO A 116 10.15 7.75 -5.30
C PRO A 116 10.65 6.64 -6.23
N ASP A 117 11.89 6.77 -6.70
CA ASP A 117 12.50 5.79 -7.59
C ASP A 117 12.57 4.48 -6.84
N PRO A 118 11.87 3.45 -7.33
CA PRO A 118 11.80 2.15 -6.68
C PRO A 118 13.10 1.36 -6.79
N THR A 119 14.09 1.84 -7.53
CA THR A 119 15.36 1.12 -7.63
C THR A 119 16.29 1.51 -6.50
N ILE A 120 15.87 2.47 -5.69
CA ILE A 120 16.64 2.89 -4.52
C ILE A 120 16.53 1.81 -3.47
N PRO A 121 17.65 1.30 -3.01
CA PRO A 121 17.62 0.20 -2.03
C PRO A 121 16.98 0.59 -0.68
N THR A 122 16.27 -0.36 -0.10
CA THR A 122 15.67 -0.13 1.22
C THR A 122 15.61 -1.43 2.02
N GLY A 123 15.77 -1.30 3.32
CA GLY A 123 15.66 -2.46 4.21
C GLY A 123 14.30 -2.57 4.87
N GLU A 124 13.38 -1.72 4.45
CA GLU A 124 12.09 -1.66 5.11
C GLU A 124 11.12 -2.68 4.52
N THR A 125 10.00 -2.86 5.21
CA THR A 125 9.01 -3.87 4.88
C THR A 125 7.67 -3.21 4.62
N GLY A 126 6.94 -3.67 3.62
CA GLY A 126 5.65 -3.09 3.33
C GLY A 126 5.83 -1.79 2.56
N THR A 127 4.82 -1.45 1.77
CA THR A 127 4.90 -0.30 0.90
C THR A 127 5.10 1.04 1.63
N ARG A 128 4.44 1.25 2.77
CA ARG A 128 4.54 2.54 3.43
C ARG A 128 6.00 2.88 3.81
N HIS A 129 6.65 1.97 4.53
CA HIS A 129 7.97 2.28 5.05
C HIS A 129 8.99 2.16 3.94
N ARG A 130 8.79 1.24 3.01
CA ARG A 130 9.67 1.22 1.85
C ARG A 130 9.58 2.55 1.09
N THR A 131 8.36 3.05 0.88
CA THR A 131 8.16 4.32 0.20
C THR A 131 8.90 5.44 0.96
N ALA A 132 8.78 5.44 2.28
CA ALA A 132 9.31 6.55 3.08
C ALA A 132 10.83 6.59 3.03
N GLU A 133 11.48 5.43 3.09
CA GLU A 133 12.94 5.43 3.09
C GLU A 133 13.46 5.88 1.75
N ARG A 134 12.89 5.33 0.68
CA ARG A 134 13.29 5.68 -0.68
C ARG A 134 13.12 7.20 -0.89
N LEU A 135 11.98 7.76 -0.54
CA LEU A 135 11.77 9.19 -0.75
C LEU A 135 12.73 10.08 0.08
N ALA A 136 13.06 9.68 1.30
CA ALA A 136 13.96 10.50 2.12
C ALA A 136 15.35 10.48 1.50
N LYS A 137 15.76 9.33 0.99
CA LYS A 137 17.06 9.21 0.34
C LYS A 137 17.08 10.05 -0.93
N GLN A 138 16.00 9.96 -1.70
CA GLN A 138 15.95 10.62 -3.00
C GLN A 138 15.97 12.14 -2.90
N THR A 139 15.47 12.68 -1.81
CA THR A 139 15.26 14.12 -1.74
C THR A 139 16.02 14.81 -0.64
N GLY A 140 16.56 14.03 0.30
CA GLY A 140 17.17 14.65 1.44
C GLY A 140 16.19 15.43 2.29
N LYS A 141 14.91 15.05 2.21
CA LYS A 141 13.90 15.64 3.09
C LYS A 141 13.46 14.63 4.15
N VAL A 142 12.78 15.12 5.18
CA VAL A 142 12.17 14.27 6.19
C VAL A 142 10.89 13.61 5.68
N VAL A 143 10.77 12.31 5.89
CA VAL A 143 9.53 11.59 5.67
C VAL A 143 9.19 10.77 6.92
N ILE A 144 7.97 10.89 7.39
CA ILE A 144 7.60 10.26 8.65
C ILE A 144 6.59 9.16 8.40
N ALA A 145 6.87 7.95 8.89
CA ALA A 145 5.94 6.82 8.71
C ALA A 145 5.33 6.30 10.01
N VAL A 146 4.02 6.09 10.00
CA VAL A 146 3.30 5.43 11.10
C VAL A 146 2.41 4.31 10.53
N SER A 147 2.63 3.09 11.00
CA SER A 147 1.78 1.94 10.65
C SER A 147 0.54 1.87 11.53
N ARG A 148 -0.49 1.17 11.05
CA ARG A 148 -1.74 1.09 11.80
C ARG A 148 -1.68 0.19 13.05
N ARG A 149 -0.97 -0.95 13.01
CA ARG A 149 -0.94 -1.79 14.22
C ARG A 149 0.38 -1.70 14.99
N ARG A 150 1.05 -0.54 14.93
CA ARG A 150 2.29 -0.33 15.67
C ARG A 150 2.37 1.09 16.23
N ASN A 151 2.73 1.19 17.50
CA ASN A 151 2.76 2.47 18.20
C ASN A 151 4.07 3.20 17.96
N ILE A 152 4.72 2.82 16.88
CA ILE A 152 6.05 3.28 16.52
C ILE A 152 6.00 4.47 15.56
N ILE A 153 6.81 5.49 15.81
CA ILE A 153 6.95 6.57 14.85
C ILE A 153 8.30 6.44 14.17
N SER A 154 8.31 6.25 12.85
CA SER A 154 9.57 6.08 12.14
C SER A 154 9.94 7.31 11.32
N LEU A 155 11.08 7.92 11.62
CA LEU A 155 11.49 9.11 10.91
C LEU A 155 12.65 8.82 9.98
N TYR A 156 12.46 9.10 8.69
CA TYR A 156 13.52 8.89 7.72
C TYR A 156 13.99 10.25 7.25
N TYR A 157 15.30 10.42 7.14
CA TYR A 157 15.86 11.69 6.68
C TYR A 157 17.22 11.44 6.04
N LYS A 158 17.35 11.86 4.78
CA LYS A 158 18.48 11.44 3.96
C LYS A 158 18.66 9.93 4.14
N ASN A 159 19.84 9.53 4.60
CA ASN A 159 20.13 8.11 4.76
C ASN A 159 19.97 7.61 6.18
N TYR A 160 19.42 8.46 7.03
CA TYR A 160 19.19 8.11 8.42
C TYR A 160 17.77 7.62 8.64
N LYS A 161 17.61 6.70 9.58
CA LYS A 161 16.32 6.28 10.09
C LYS A 161 16.33 6.39 11.60
N TYR A 162 15.36 7.08 12.17
CA TYR A 162 15.26 7.15 13.62
C TYR A 162 13.86 6.72 14.05
N VAL A 163 13.80 5.83 15.04
CA VAL A 163 12.54 5.41 15.60
C VAL A 163 12.28 6.13 16.90
N VAL A 164 11.15 6.80 16.97
CA VAL A 164 10.79 7.49 18.20
C VAL A 164 9.79 6.62 18.96
N ASN A 165 9.96 6.54 20.28
CA ASN A 165 9.09 5.71 21.08
C ASN A 165 8.07 6.50 21.85
N GLN A 166 7.06 5.79 22.33
CA GLN A 166 6.05 6.37 23.19
C GLN A 166 6.70 6.79 24.49
N VAL A 167 6.17 7.84 25.07
CA VAL A 167 6.64 8.30 26.35
C VAL A 167 6.63 7.20 27.41
N ASP A 168 5.59 6.36 27.45
CA ASP A 168 5.50 5.38 28.53
C ASP A 168 6.70 4.42 28.49
N PHE A 169 7.18 4.10 27.30
CA PHE A 169 8.33 3.24 27.18
C PHE A 169 9.59 3.97 27.67
N LEU A 170 9.71 5.24 27.31
CA LEU A 170 10.87 6.04 27.65
C LEU A 170 10.93 6.34 29.14
N ILE A 171 9.81 6.78 29.69
CA ILE A 171 9.71 7.06 31.10
C ILE A 171 10.11 5.82 31.88
N SER A 172 9.75 4.65 31.37
CA SER A 172 10.07 3.44 32.10
C SER A 172 11.57 3.17 32.10
N LYS A 173 12.24 3.37 30.96
CA LYS A 173 13.68 3.12 30.90
C LYS A 173 14.41 4.16 31.74
N VAL A 174 14.05 5.42 31.55
CA VAL A 174 14.63 6.54 32.28
C VAL A 174 14.42 6.42 33.80
N THR A 175 13.29 5.86 34.21
CA THR A 175 13.00 5.73 35.63
C THR A 175 13.94 4.70 36.24
N GLN A 176 14.12 3.59 35.53
CA GLN A 176 15.06 2.57 35.96
C GLN A 176 16.48 3.12 36.04
N ALA A 177 16.86 3.94 35.06
CA ALA A 177 18.21 4.49 35.00
C ALA A 177 18.46 5.45 36.16
N ILE A 178 17.48 6.30 36.43
CA ILE A 178 17.58 7.23 37.54
C ILE A 178 17.70 6.47 38.85
N SER A 179 16.96 5.38 38.93
CA SER A 179 17.04 4.52 40.10
C SER A 179 18.37 3.76 40.16
N THR A 180 19.00 3.53 39.01
CA THR A 180 20.31 2.88 39.02
C THR A 180 21.40 3.90 39.40
N LEU A 181 21.21 5.14 39.00
CA LEU A 181 22.16 6.17 39.35
C LEU A 181 22.15 6.44 40.85
N GLU A 182 20.96 6.44 41.46
CA GLU A 182 20.87 6.62 42.90
C GLU A 182 21.80 5.66 43.58
N LYS A 183 21.78 4.41 43.13
CA LYS A 183 22.50 3.40 43.87
C LYS A 183 23.99 3.59 43.67
N TYR A 184 24.38 4.08 42.50
CA TYR A 184 25.77 4.44 42.25
C TYR A 184 26.20 5.67 43.03
N LYS A 185 25.39 6.72 43.03
CA LYS A 185 25.70 7.95 43.73
C LYS A 185 25.90 7.66 45.21
N ASP A 186 25.04 6.77 45.69
CA ASP A 186 25.03 6.34 47.06
C ASP A 186 26.36 5.66 47.43
N ASN A 187 26.74 4.67 46.64
CA ASN A 187 28.05 4.06 46.81
C ASN A 187 29.19 5.08 46.64
N PHE A 188 29.04 5.99 45.68
CA PHE A 188 30.05 7.01 45.46
C PHE A 188 30.20 7.88 46.71
N ASN A 189 29.08 8.19 47.37
CA ASN A 189 29.12 8.99 48.59
C ASN A 189 29.82 8.27 49.75
N LYS A 190 29.57 6.96 49.89
CA LYS A 190 30.26 6.16 50.90
C LYS A 190 31.77 6.14 50.65
N LEU A 191 32.18 5.85 49.42
CA LEU A 191 33.60 5.78 49.11
C LEU A 191 34.28 7.08 49.40
N LEU A 192 33.69 8.14 48.86
CA LEU A 192 34.23 9.48 49.02
C LEU A 192 34.29 9.86 50.51
N SER A 193 33.29 9.41 51.26
CA SER A 193 33.23 9.71 52.68
C SER A 193 34.39 9.03 53.40
N GLU A 194 34.64 7.79 53.05
CA GLU A 194 35.74 7.06 53.64
C GLU A 194 37.08 7.65 53.20
N LEU A 195 37.16 8.03 51.92
CA LEU A 195 38.37 8.58 51.34
C LEU A 195 38.80 9.82 52.08
N GLU A 196 37.81 10.57 52.53
CA GLU A 196 38.02 11.84 53.19
C GLU A 196 38.73 11.61 54.51
N VAL A 197 38.30 10.57 55.20
CA VAL A 197 38.92 10.24 56.46
C VAL A 197 40.39 9.91 56.20
N LEU A 198 40.67 9.13 55.16
CA LEU A 198 42.04 8.78 54.85
C LEU A 198 42.85 9.99 54.38
N GLU A 199 42.18 10.87 53.65
CA GLU A 199 42.87 12.03 53.12
C GLU A 199 43.33 12.93 54.26
N LEU A 200 42.53 13.03 55.31
CA LEU A 200 42.80 13.90 56.44
C LEU A 200 43.81 13.30 57.42
N GLU A 201 43.90 11.98 57.40
CA GLU A 201 44.82 11.31 58.28
C GLU A 201 46.06 10.93 57.49
N ASN A 202 46.10 11.39 56.24
CA ASN A 202 47.23 11.15 55.35
C ASN A 202 47.55 9.68 55.29
N ARG A 203 46.54 8.88 54.98
CA ARG A 203 46.65 7.43 54.92
C ARG A 203 46.04 6.86 53.66
N VAL A 204 45.97 7.66 52.60
CA VAL A 204 45.37 7.19 51.37
C VAL A 204 46.31 6.26 50.61
N THR A 205 45.75 5.18 50.05
CA THR A 205 46.45 4.39 49.06
C THR A 205 45.81 4.61 47.67
N LEU A 206 46.57 4.33 46.63
CA LEU A 206 46.09 4.50 45.26
C LEU A 206 44.78 3.75 45.04
N ALA A 207 44.65 2.58 45.67
CA ALA A 207 43.41 1.79 45.60
C ALA A 207 42.18 2.57 46.09
N ASP A 208 42.32 3.29 47.20
CA ASP A 208 41.22 4.12 47.71
C ASP A 208 40.81 5.19 46.70
N VAL A 209 41.77 5.73 45.96
CA VAL A 209 41.49 6.80 45.01
C VAL A 209 40.83 6.23 43.77
N VAL A 210 41.40 5.13 43.31
CA VAL A 210 41.01 4.52 42.05
C VAL A 210 39.57 4.03 42.11
N ARG A 211 39.21 3.41 43.23
CA ARG A 211 37.86 2.90 43.28
C ARG A 211 36.86 4.04 43.50
N THR A 212 37.32 5.18 44.00
CA THR A 212 36.42 6.34 44.02
C THR A 212 36.24 6.98 42.62
N LEU A 213 37.35 7.11 41.88
CA LEU A 213 37.27 7.57 40.49
C LEU A 213 36.44 6.62 39.62
N ALA A 214 36.72 5.33 39.72
CA ALA A 214 36.01 4.36 38.90
C ALA A 214 34.50 4.43 39.14
N LYS A 215 34.11 4.52 40.41
CA LYS A 215 32.69 4.62 40.75
C LYS A 215 32.11 5.89 40.15
N GLY A 216 32.83 6.99 40.31
CA GLY A 216 32.48 8.25 39.68
C GLY A 216 32.34 8.13 38.18
N PHE A 217 33.34 7.53 37.53
CA PHE A 217 33.34 7.44 36.07
C PHE A 217 32.11 6.64 35.61
N GLU A 218 31.84 5.54 36.31
CA GLU A 218 30.74 4.65 35.91
C GLU A 218 29.42 5.40 35.99
N LEU A 219 29.29 6.18 37.05
CA LEU A 219 28.12 6.99 37.28
C LEU A 219 27.82 7.94 36.10
N LEU A 220 28.76 8.82 35.75
CA LEU A 220 28.54 9.75 34.65
C LEU A 220 28.36 9.03 33.31
N ARG A 221 29.03 7.91 33.14
CA ARG A 221 28.83 7.08 31.96
C ARG A 221 27.35 6.73 31.81
N ILE A 222 26.71 6.33 32.91
CA ILE A 222 25.30 5.97 32.87
C ILE A 222 24.44 7.16 32.43
N VAL A 223 24.75 8.34 32.96
CA VAL A 223 24.11 9.57 32.54
C VAL A 223 24.23 9.73 31.02
N GLU A 224 25.46 9.57 30.52
CA GLU A 224 25.72 9.67 29.08
C GLU A 224 24.83 8.75 28.26
N GLU A 225 24.63 7.55 28.78
CA GLU A 225 23.84 6.58 28.06
C GLU A 225 22.37 6.88 28.11
N ILE A 226 21.90 7.50 29.19
CA ILE A 226 20.47 7.70 29.28
C ILE A 226 20.11 8.96 28.52
N ARG A 227 21.12 9.78 28.25
CA ARG A 227 20.89 11.09 27.65
C ARG A 227 20.01 11.10 26.38
N PRO A 228 20.25 10.18 25.42
CA PRO A 228 19.36 10.23 24.24
C PRO A 228 17.89 9.96 24.56
N TYR A 229 17.62 9.13 25.56
CA TYR A 229 16.23 8.92 26.02
C TYR A 229 15.62 10.21 26.53
N ILE A 230 16.42 10.97 27.28
CA ILE A 230 15.95 12.20 27.88
C ILE A 230 15.57 13.15 26.77
N VAL A 231 16.38 13.19 25.71
CA VAL A 231 16.08 14.08 24.59
C VAL A 231 14.80 13.65 23.90
N GLU A 232 14.70 12.36 23.57
CA GLU A 232 13.48 11.81 23.00
C GLU A 232 12.24 12.15 23.81
N LEU A 233 12.39 12.35 25.11
CA LEU A 233 11.25 12.61 25.98
C LEU A 233 10.68 14.03 25.85
N GLY A 234 11.47 14.94 25.28
CA GLY A 234 11.04 16.31 25.10
C GLY A 234 10.51 16.94 26.38
N GLU A 235 9.40 17.68 26.25
CA GLU A 235 8.72 18.28 27.37
C GLU A 235 8.45 17.31 28.53
N GLU A 236 8.17 16.07 28.19
CA GLU A 236 7.85 15.10 29.21
C GLU A 236 9.12 14.61 29.94
N GLY A 237 10.27 15.19 29.57
CA GLY A 237 11.52 14.82 30.19
C GLY A 237 12.02 15.82 31.22
N ARG A 238 11.21 16.83 31.50
CA ARG A 238 11.56 17.90 32.42
C ARG A 238 11.98 17.40 33.81
N LEU A 239 11.11 16.62 34.46
CA LEU A 239 11.43 16.06 35.77
C LEU A 239 12.68 15.15 35.75
N ALA A 240 12.81 14.36 34.68
CA ALA A 240 13.95 13.48 34.50
C ALA A 240 15.26 14.28 34.46
N ARG A 241 15.26 15.40 33.74
CA ARG A 241 16.43 16.27 33.70
C ARG A 241 16.75 16.81 35.09
N MET A 242 15.72 17.23 35.84
CA MET A 242 15.95 17.79 37.16
C MET A 242 16.50 16.74 38.10
N GLN A 243 16.04 15.49 37.93
CA GLN A 243 16.55 14.42 38.78
C GLN A 243 18.00 14.14 38.47
N LEU A 244 18.36 14.18 37.19
CA LEU A 244 19.74 13.93 36.78
C LEU A 244 20.66 15.02 37.30
N ARG A 245 20.21 16.26 37.22
CA ARG A 245 20.99 17.39 37.68
C ARG A 245 21.20 17.29 39.23
N GLU A 246 20.17 16.94 39.99
CA GLU A 246 20.35 16.82 41.43
C GLU A 246 21.27 15.68 41.84
N LEU A 247 21.22 14.56 41.14
CA LEU A 247 22.09 13.43 41.43
C LEU A 247 23.58 13.60 41.02
N THR A 248 23.86 14.45 40.03
CA THR A 248 25.23 14.53 39.49
C THR A 248 25.82 15.93 39.58
N GLU A 249 25.10 16.83 40.25
CA GLU A 249 25.48 18.23 40.44
C GLU A 249 26.96 18.66 40.53
N ASP A 250 27.69 18.17 41.52
CA ASP A 250 29.11 18.53 41.56
C ASP A 250 30.06 17.38 41.25
N VAL A 251 29.52 16.29 40.73
CA VAL A 251 30.29 15.06 40.66
C VAL A 251 31.51 15.18 39.74
N ASP A 252 31.35 15.85 38.60
CA ASP A 252 32.46 15.96 37.67
C ASP A 252 33.58 16.88 38.20
N ASP A 253 33.20 18.03 38.76
CA ASP A 253 34.15 18.89 39.46
C ASP A 253 34.96 18.08 40.47
N LEU A 254 34.23 17.29 41.23
CA LEU A 254 34.82 16.50 42.27
C LEU A 254 35.81 15.51 41.70
N LEU A 255 35.43 14.85 40.61
CA LEU A 255 36.35 13.90 40.01
C LEU A 255 37.60 14.61 39.45
N VAL A 256 37.42 15.82 38.93
CA VAL A 256 38.51 16.57 38.36
C VAL A 256 39.49 16.96 39.47
N LEU A 257 38.96 17.41 40.58
CA LEU A 257 39.81 17.77 41.71
C LEU A 257 40.53 16.54 42.29
N LEU A 258 39.90 15.38 42.18
CA LEU A 258 40.51 14.15 42.69
C LEU A 258 41.72 13.78 41.87
N ILE A 259 41.57 13.94 40.56
CA ILE A 259 42.64 13.68 39.61
C ILE A 259 43.80 14.65 39.83
N MET A 260 43.47 15.94 39.92
CA MET A 260 44.44 16.96 40.24
C MET A 260 45.20 16.64 41.51
N ASP A 261 44.51 16.03 42.49
CA ASP A 261 45.10 15.82 43.80
C ASP A 261 45.94 14.55 43.91
N TYR A 262 45.64 13.53 43.10
CA TYR A 262 46.25 12.21 43.32
C TYR A 262 46.98 11.66 42.10
N SER A 263 47.02 12.40 41.01
CA SER A 263 47.80 11.92 39.87
C SER A 263 49.27 11.91 40.28
N SER A 264 50.04 11.02 39.67
CA SER A 264 51.43 10.77 40.05
C SER A 264 52.33 11.99 39.91
N GLU A 265 52.12 12.77 38.85
CA GLU A 265 52.79 14.05 38.78
C GLU A 265 51.77 15.15 38.52
N GLU A 266 52.10 16.36 38.94
CA GLU A 266 51.16 17.48 38.95
C GLU A 266 50.47 17.69 37.60
N VAL A 267 49.19 18.07 37.65
CA VAL A 267 48.37 18.15 36.46
C VAL A 267 47.46 19.38 36.48
N GLU A 268 47.18 19.95 35.31
CA GLU A 268 46.38 21.16 35.22
C GLU A 268 44.92 20.77 35.11
N GLU A 269 44.04 21.64 35.57
CA GLU A 269 42.61 21.35 35.57
C GLU A 269 42.12 20.87 34.21
N GLU A 270 42.56 21.54 33.15
CA GLU A 270 42.11 21.16 31.83
C GLU A 270 42.51 19.74 31.50
N THR A 271 43.74 19.38 31.84
CA THR A 271 44.19 18.02 31.61
C THR A 271 43.29 17.04 32.34
N ALA A 272 43.02 17.35 33.61
CA ALA A 272 42.18 16.51 34.45
C ALA A 272 40.81 16.37 33.81
N GLN A 273 40.22 17.51 33.43
CA GLN A 273 38.95 17.52 32.69
C GLN A 273 38.98 16.60 31.48
N ASN A 274 40.12 16.57 30.79
CA ASN A 274 40.28 15.65 29.66
C ASN A 274 40.26 14.20 30.09
N ILE A 275 41.08 13.87 31.09
CA ILE A 275 41.08 12.54 31.65
C ILE A 275 39.66 12.08 32.03
N LEU A 276 38.90 12.96 32.67
CA LEU A 276 37.49 12.67 32.98
C LEU A 276 36.68 12.34 31.71
N GLN A 277 36.76 13.22 30.70
CA GLN A 277 36.04 13.03 29.44
C GLN A 277 36.35 11.68 28.84
N ASP A 278 37.61 11.29 28.97
CA ASP A 278 38.11 10.04 28.42
C ASP A 278 37.44 8.82 29.06
N PHE A 279 37.53 8.73 30.39
CA PHE A 279 37.02 7.58 31.10
C PHE A 279 35.49 7.56 31.19
N ILE A 280 34.85 8.63 30.74
CA ILE A 280 33.41 8.61 30.53
C ILE A 280 33.08 7.94 29.20
N THR A 281 33.73 8.42 28.14
CA THR A 281 33.38 8.03 26.78
C THR A 281 34.30 6.93 26.23
N ARG A 282 35.57 7.28 26.00
CA ARG A 282 36.45 6.44 25.18
C ARG A 282 37.02 5.21 25.91
N ARG A 283 37.61 5.41 27.08
CA ARG A 283 38.24 4.30 27.78
C ARG A 283 37.50 3.61 28.91
N GLU A 284 37.68 2.29 28.98
CA GLU A 284 37.09 1.49 30.06
C GLU A 284 37.69 1.86 31.42
N PRO A 285 36.81 2.08 32.43
CA PRO A 285 37.23 2.53 33.76
C PRO A 285 37.72 1.40 34.65
N SER A 286 38.58 0.52 34.15
CA SER A 286 39.18 -0.50 34.99
C SER A 286 40.21 0.09 35.96
N PRO A 287 40.35 -0.51 37.15
CA PRO A 287 41.31 -0.04 38.16
C PRO A 287 42.71 0.25 37.62
N ILE A 288 43.29 -0.70 36.88
CA ILE A 288 44.63 -0.51 36.30
C ILE A 288 44.66 0.60 35.25
N SER A 289 43.67 0.61 34.37
CA SER A 289 43.60 1.64 33.33
C SER A 289 43.61 3.03 33.96
N ILE A 290 42.84 3.19 35.04
CA ILE A 290 42.75 4.47 35.74
C ILE A 290 44.06 4.80 36.44
N SER A 291 44.66 3.81 37.09
CA SER A 291 45.86 4.10 37.85
C SER A 291 47.02 4.36 36.90
N ARG A 292 46.99 3.77 35.71
CA ARG A 292 48.07 3.98 34.75
C ARG A 292 47.94 5.34 34.06
N VAL A 293 46.74 5.69 33.63
CA VAL A 293 46.51 7.02 33.07
C VAL A 293 46.87 8.11 34.09
N LEU A 294 46.75 7.78 35.37
CA LEU A 294 47.14 8.72 36.41
C LEU A 294 48.67 8.84 36.56
N GLY A 295 49.41 7.93 35.92
CA GLY A 295 50.86 8.00 35.94
C GLY A 295 51.57 6.99 36.81
N TYR A 296 50.84 6.02 37.34
CA TYR A 296 51.46 5.01 38.20
C TYR A 296 51.75 3.75 37.39
N ASP A 297 52.98 3.28 37.47
CA ASP A 297 53.42 2.12 36.70
C ASP A 297 53.01 0.81 37.36
N VAL A 298 51.72 0.52 37.31
CA VAL A 298 51.17 -0.68 37.93
C VAL A 298 50.73 -1.64 36.83
N GLN A 299 50.83 -2.94 37.08
CA GLN A 299 50.34 -3.92 36.12
C GLN A 299 49.26 -4.83 36.70
N GLN A 300 49.40 -5.18 37.98
CA GLN A 300 48.42 -6.02 38.63
C GLN A 300 47.63 -5.24 39.68
N ALA A 301 46.30 -5.36 39.63
CA ALA A 301 45.42 -4.60 40.50
C ALA A 301 45.69 -4.80 42.00
N ALA A 302 46.51 -5.78 42.36
CA ALA A 302 46.80 -6.04 43.77
C ALA A 302 47.83 -5.06 44.32
N GLN A 303 48.60 -4.45 43.43
CA GLN A 303 49.67 -3.56 43.86
C GLN A 303 49.09 -2.26 44.41
N LEU A 304 47.87 -1.96 43.97
CA LEU A 304 47.24 -0.68 44.23
C LEU A 304 47.14 -0.40 45.72
N ASP A 305 46.96 -1.45 46.50
CA ASP A 305 46.89 -1.29 47.95
C ASP A 305 48.22 -0.96 48.56
N ASP A 306 49.28 -1.09 47.79
CA ASP A 306 50.62 -0.89 48.30
C ASP A 306 51.20 0.44 47.89
N VAL A 307 50.52 1.16 47.01
CA VAL A 307 50.99 2.48 46.62
C VAL A 307 50.43 3.58 47.51
N LEU A 308 51.25 4.06 48.44
CA LEU A 308 50.89 5.18 49.30
C LEU A 308 50.90 6.48 48.52
N VAL A 309 49.94 7.35 48.80
CA VAL A 309 49.66 8.51 47.95
C VAL A 309 49.12 9.64 48.83
N SER A 310 49.39 10.88 48.45
CA SER A 310 48.99 12.04 49.24
C SER A 310 48.37 13.14 48.40
N ALA A 311 47.22 13.64 48.85
CA ALA A 311 46.49 14.65 48.12
C ALA A 311 47.27 15.97 48.10
N ARG A 312 47.28 16.65 46.96
CA ARG A 312 47.91 17.98 46.87
C ARG A 312 47.10 19.02 47.65
N GLY A 313 45.79 18.80 47.75
CA GLY A 313 44.96 19.68 48.54
C GLY A 313 44.03 20.55 47.71
N TYR A 314 43.97 20.30 46.41
CA TYR A 314 43.12 21.11 45.57
C TYR A 314 41.67 20.97 46.00
N ARG A 315 41.21 19.72 46.13
CA ARG A 315 39.80 19.46 46.43
C ARG A 315 39.35 20.22 47.67
N LEU A 316 40.17 20.18 48.70
CA LEU A 316 39.83 20.91 49.91
C LEU A 316 39.94 22.44 49.72
N LEU A 317 41.00 22.91 49.06
CA LEU A 317 41.15 24.34 48.81
C LEU A 317 39.96 24.96 48.06
N LYS A 318 39.52 24.32 46.96
CA LYS A 318 38.39 24.89 46.23
C LYS A 318 37.06 24.61 46.93
N THR A 319 36.80 23.36 47.26
CA THR A 319 35.47 22.99 47.73
C THR A 319 35.17 23.48 49.14
N VAL A 320 36.14 23.42 50.05
CA VAL A 320 35.89 23.73 51.45
C VAL A 320 36.47 25.08 51.88
N ALA A 321 37.61 25.47 51.32
CA ALA A 321 38.20 26.78 51.59
C ALA A 321 37.78 27.85 50.56
N ARG A 322 37.14 27.41 49.48
CA ARG A 322 36.62 28.33 48.46
C ARG A 322 37.72 29.23 47.89
N ILE A 323 38.95 28.70 47.89
CA ILE A 323 40.07 29.32 47.19
C ILE A 323 39.95 28.95 45.73
N PRO A 324 40.02 29.94 44.84
CA PRO A 324 39.95 29.61 43.42
C PRO A 324 41.21 28.86 42.98
N LEU A 325 41.06 28.07 41.93
CA LEU A 325 42.07 27.13 41.50
C LEU A 325 43.38 27.79 41.16
N SER A 326 43.25 28.94 40.50
CA SER A 326 44.39 29.74 40.07
C SER A 326 45.29 30.07 41.25
N ILE A 327 44.65 30.50 42.34
CA ILE A 327 45.37 30.77 43.55
C ILE A 327 45.75 29.47 44.26
N GLY A 328 44.92 28.44 44.12
CA GLY A 328 45.21 27.18 44.74
C GLY A 328 46.49 26.59 44.20
N TYR A 329 46.73 26.80 42.89
CA TYR A 329 47.98 26.42 42.26
C TYR A 329 49.21 26.95 43.04
N ASN A 330 49.17 28.22 43.43
CA ASN A 330 50.29 28.80 44.17
C ASN A 330 50.42 28.19 45.54
N VAL A 331 49.30 27.87 46.17
CA VAL A 331 49.34 27.27 47.50
C VAL A 331 49.97 25.89 47.42
N VAL A 332 49.53 25.12 46.44
CA VAL A 332 50.11 23.80 46.22
C VAL A 332 51.58 23.91 45.82
N ARG A 333 51.90 24.87 44.95
CA ARG A 333 53.27 25.07 44.47
C ARG A 333 54.21 25.19 45.63
N MET A 334 53.81 25.96 46.64
CA MET A 334 54.65 26.18 47.79
C MET A 334 54.68 25.00 48.77
N PHE A 335 53.52 24.43 49.08
CA PHE A 335 53.44 23.42 50.15
C PHE A 335 53.35 21.98 49.69
N LYS A 336 53.04 21.76 48.40
CA LYS A 336 53.01 20.41 47.77
C LYS A 336 51.82 19.49 48.18
N THR A 337 51.53 19.34 49.48
CA THR A 337 50.48 18.40 49.90
C THR A 337 49.54 18.98 50.95
N LEU A 338 48.35 18.35 51.05
CA LEU A 338 47.32 18.74 52.02
C LEU A 338 47.86 18.63 53.42
N ASP A 339 48.69 17.60 53.61
CA ASP A 339 49.36 17.36 54.88
C ASP A 339 50.12 18.61 55.32
N GLN A 340 50.97 19.11 54.43
CA GLN A 340 51.76 20.29 54.76
C GLN A 340 50.87 21.51 54.96
N ILE A 341 49.89 21.70 54.09
CA ILE A 341 48.96 22.81 54.27
C ILE A 341 48.25 22.76 55.64
N SER A 342 47.90 21.57 56.11
CA SER A 342 47.24 21.46 57.41
C SER A 342 48.18 21.84 58.55
N LYS A 343 49.48 21.76 58.29
CA LYS A 343 50.46 22.07 59.32
C LYS A 343 50.81 23.55 59.29
N ALA A 344 50.37 24.24 58.24
CA ALA A 344 50.77 25.61 58.04
C ALA A 344 50.08 26.58 58.99
N SER A 345 50.74 27.70 59.23
CA SER A 345 50.21 28.79 60.05
C SER A 345 49.54 29.81 59.15
N VAL A 346 48.80 30.72 59.74
CA VAL A 346 48.17 31.78 58.95
C VAL A 346 49.19 32.69 58.28
N GLU A 347 50.31 33.00 58.95
CA GLU A 347 51.33 33.81 58.32
C GLU A 347 52.14 32.96 57.35
N ASP A 348 52.32 31.69 57.70
CA ASP A 348 52.93 30.72 56.77
C ASP A 348 52.18 30.75 55.44
N LEU A 349 50.87 30.62 55.50
CA LEU A 349 50.03 30.60 54.30
C LEU A 349 50.06 31.96 53.60
N LYS A 350 50.16 33.03 54.38
CA LYS A 350 50.05 34.37 53.82
C LYS A 350 51.20 34.67 52.88
N LYS A 351 52.31 33.96 53.04
CA LYS A 351 53.46 34.13 52.15
C LYS A 351 53.16 33.72 50.71
N VAL A 352 51.99 33.14 50.47
CA VAL A 352 51.63 32.67 49.14
C VAL A 352 51.01 33.79 48.31
N GLU A 353 51.41 33.86 47.05
CA GLU A 353 50.82 34.83 46.15
C GLU A 353 49.33 34.55 46.02
N GLY A 354 48.51 35.51 46.47
CA GLY A 354 47.07 35.41 46.35
C GLY A 354 46.39 35.17 47.68
N ILE A 355 47.17 34.77 48.69
CA ILE A 355 46.58 34.48 49.98
C ILE A 355 46.65 35.68 50.91
N GLY A 356 45.49 36.31 51.12
CA GLY A 356 45.37 37.40 52.06
C GLY A 356 45.17 36.86 53.45
N GLU A 357 44.39 37.57 54.26
CA GLU A 357 44.13 37.12 55.63
C GLU A 357 42.88 36.27 55.67
N LYS A 358 41.84 36.75 55.00
CA LYS A 358 40.56 36.05 54.97
C LYS A 358 40.80 34.66 54.41
N ARG A 359 41.53 34.58 53.29
CA ARG A 359 41.79 33.31 52.63
C ARG A 359 42.67 32.41 53.50
N ALA A 360 43.60 33.02 54.22
CA ALA A 360 44.56 32.27 55.00
C ALA A 360 43.89 31.55 56.17
N ARG A 361 43.08 32.27 56.94
CA ARG A 361 42.46 31.58 58.06
C ARG A 361 41.30 30.77 57.52
N ALA A 362 40.82 31.10 56.31
CA ALA A 362 39.83 30.24 55.68
C ALA A 362 40.42 28.86 55.47
N ILE A 363 41.68 28.81 55.03
CA ILE A 363 42.33 27.54 54.77
C ILE A 363 42.65 26.79 56.06
N SER A 364 43.16 27.51 57.06
CA SER A 364 43.58 26.86 58.29
C SER A 364 42.38 26.41 59.12
N GLU A 365 41.33 27.24 59.16
CA GLU A 365 40.14 26.87 59.93
C GLU A 365 39.33 25.79 59.22
N SER A 366 39.23 25.86 57.90
CA SER A 366 38.57 24.82 57.13
C SER A 366 39.09 23.45 57.49
N ILE A 367 40.41 23.28 57.40
CA ILE A 367 41.02 21.98 57.66
C ILE A 367 40.90 21.59 59.13
N SER A 368 41.07 22.56 60.02
CA SER A 368 40.97 22.31 61.46
C SER A 368 39.60 21.76 61.82
N SER A 369 38.57 22.46 61.37
CA SER A 369 37.20 22.02 61.56
C SER A 369 37.03 20.62 61.01
N LEU A 370 37.41 20.41 59.75
CA LEU A 370 37.25 19.11 59.11
C LEU A 370 37.97 18.01 59.89
N LYS A 371 39.21 18.26 60.30
CA LYS A 371 39.99 17.24 60.98
C LYS A 371 39.34 16.88 62.31
N HIS A 372 39.06 17.89 63.12
CA HIS A 372 38.47 17.66 64.43
C HIS A 372 37.13 16.90 64.34
N ARG A 373 36.24 17.31 63.45
CA ARG A 373 34.93 16.65 63.33
C ARG A 373 34.99 15.20 62.84
N LYS A 374 36.10 14.80 62.22
CA LYS A 374 36.21 13.45 61.65
C LYS A 374 37.48 12.72 62.08
N THR A 375 37.92 12.97 63.31
CA THR A 375 39.05 12.24 63.92
C THR A 375 39.10 12.49 65.44
N VAL B 27 -14.80 -5.78 -27.48
CA VAL B 27 -14.10 -6.55 -26.46
C VAL B 27 -13.20 -7.60 -27.12
N PRO B 28 -11.92 -7.25 -27.36
CA PRO B 28 -10.95 -8.09 -28.09
C PRO B 28 -10.86 -9.51 -27.54
N GLN B 29 -10.61 -10.49 -28.41
CA GLN B 29 -10.63 -11.89 -28.00
C GLN B 29 -9.42 -12.30 -27.15
N GLU B 30 -8.28 -11.65 -27.38
CA GLU B 30 -7.12 -11.85 -26.50
C GLU B 30 -7.51 -11.56 -25.04
N LEU B 31 -8.21 -10.46 -24.83
CA LEU B 31 -8.76 -10.12 -23.53
C LEU B 31 -9.78 -11.16 -23.07
N ILE B 32 -10.50 -11.73 -24.02
CA ILE B 32 -11.56 -12.67 -23.68
C ILE B 32 -10.96 -13.96 -23.14
N GLU B 33 -9.85 -14.39 -23.74
CA GLU B 33 -9.15 -15.57 -23.25
C GLU B 33 -8.76 -15.34 -21.78
N LYS B 34 -8.11 -14.20 -21.54
CA LYS B 34 -7.70 -13.81 -20.19
C LYS B 34 -8.86 -13.86 -19.20
N ILE B 35 -9.98 -13.24 -19.55
CA ILE B 35 -11.16 -13.27 -18.69
C ILE B 35 -11.65 -14.69 -18.34
N LYS B 36 -11.38 -15.70 -19.17
CA LYS B 36 -11.92 -16.99 -18.78
C LYS B 36 -11.03 -17.56 -17.68
N LEU B 37 -9.81 -17.02 -17.54
CA LEU B 37 -8.92 -17.44 -16.45
C LEU B 37 -9.59 -17.27 -15.09
N ILE B 38 -10.37 -16.20 -14.93
CA ILE B 38 -10.99 -15.90 -13.65
C ILE B 38 -12.50 -16.09 -13.62
N SER B 39 -12.99 -16.86 -14.59
CA SER B 39 -14.42 -17.10 -14.72
C SER B 39 -14.86 -18.23 -13.82
N PRO B 40 -16.15 -18.20 -13.39
CA PRO B 40 -16.67 -19.25 -12.50
C PRO B 40 -16.41 -20.64 -13.04
N GLY B 41 -15.82 -21.50 -12.21
CA GLY B 41 -15.47 -22.84 -12.64
C GLY B 41 -13.97 -23.07 -12.60
N THR B 42 -13.19 -22.01 -12.73
CA THR B 42 -11.74 -22.20 -12.62
C THR B 42 -11.32 -22.29 -11.15
N GLU B 43 -10.23 -23.00 -10.89
CA GLU B 43 -9.65 -23.04 -9.56
C GLU B 43 -9.26 -21.64 -9.10
N LEU B 44 -8.79 -20.82 -10.03
CA LEU B 44 -8.36 -19.47 -9.69
C LEU B 44 -9.53 -18.64 -9.16
N ARG B 45 -10.68 -18.74 -9.83
CA ARG B 45 -11.85 -17.99 -9.41
C ARG B 45 -12.34 -18.48 -8.05
N LYS B 46 -12.24 -19.79 -7.81
CA LYS B 46 -12.66 -20.32 -6.54
C LYS B 46 -11.81 -19.68 -5.43
N ALA B 47 -10.51 -19.52 -5.67
CA ALA B 47 -9.66 -18.92 -4.69
C ALA B 47 -10.00 -17.44 -4.55
N LEU B 48 -10.16 -16.77 -5.68
CA LEU B 48 -10.51 -15.34 -5.65
C LEU B 48 -11.80 -15.15 -4.88
N ASP B 49 -12.78 -16.02 -5.12
CA ASP B 49 -14.07 -15.94 -4.42
C ASP B 49 -13.87 -16.04 -2.92
N ASP B 50 -13.06 -17.00 -2.48
CA ASP B 50 -12.81 -17.16 -1.06
C ASP B 50 -12.10 -15.95 -0.49
N ILE B 51 -11.14 -15.43 -1.24
CA ILE B 51 -10.38 -14.26 -0.83
C ILE B 51 -11.30 -13.07 -0.63
N ILE B 52 -12.22 -12.87 -1.56
CA ILE B 52 -13.21 -11.82 -1.46
C ILE B 52 -14.07 -12.01 -0.20
N ASN B 53 -14.49 -13.25 0.02
CA ASN B 53 -15.35 -13.54 1.16
C ASN B 53 -14.65 -13.27 2.50
N ALA B 54 -13.32 -13.32 2.50
CA ALA B 54 -12.50 -13.18 3.70
C ALA B 54 -12.02 -11.76 3.89
N ASN B 55 -12.23 -10.95 2.86
CA ASN B 55 -11.78 -9.56 2.84
C ASN B 55 -10.29 -9.41 2.90
N PHE B 56 -9.57 -10.45 2.51
CA PHE B 56 -8.18 -10.27 2.17
C PHE B 56 -8.17 -9.43 0.88
N GLY B 57 -7.11 -8.69 0.63
CA GLY B 57 -7.00 -8.09 -0.69
C GLY B 57 -6.31 -9.08 -1.60
N ALA B 58 -5.94 -8.67 -2.79
CA ALA B 58 -5.17 -9.55 -3.66
C ALA B 58 -4.49 -8.75 -4.76
N LEU B 59 -3.29 -9.17 -5.11
CA LEU B 59 -2.57 -8.55 -6.19
C LEU B 59 -1.81 -9.67 -6.85
N ILE B 60 -2.24 -10.05 -8.04
CA ILE B 60 -1.67 -11.22 -8.69
C ILE B 60 -1.11 -10.90 -10.07
N PHE B 61 0.13 -11.34 -10.28
CA PHE B 61 0.95 -11.03 -11.45
C PHE B 61 1.11 -12.34 -12.20
N LEU B 62 0.65 -12.36 -13.45
CA LEU B 62 0.67 -13.58 -14.24
C LEU B 62 1.80 -13.56 -15.24
N VAL B 63 2.87 -14.28 -14.92
CA VAL B 63 4.12 -14.24 -15.67
C VAL B 63 4.43 -15.63 -16.23
N ASP B 64 5.22 -15.75 -17.28
CA ASP B 64 5.60 -17.11 -17.66
C ASP B 64 7.07 -17.40 -17.39
N ASP B 65 7.92 -16.39 -17.57
CA ASP B 65 9.34 -16.53 -17.31
C ASP B 65 9.74 -15.60 -16.15
N PRO B 66 9.53 -16.07 -14.91
CA PRO B 66 9.72 -15.27 -13.68
C PRO B 66 11.11 -14.66 -13.61
N LYS B 67 12.07 -15.33 -14.22
CA LYS B 67 13.46 -14.88 -14.28
C LYS B 67 13.58 -13.46 -14.85
N LYS B 68 12.72 -13.17 -15.83
CA LYS B 68 12.83 -11.94 -16.62
C LYS B 68 12.19 -10.72 -15.97
N TYR B 69 11.38 -10.95 -14.94
CA TYR B 69 10.74 -9.83 -14.29
C TYR B 69 11.41 -9.51 -12.97
N GLU B 70 12.64 -9.98 -12.85
CA GLU B 70 13.52 -9.66 -11.72
C GLU B 70 13.48 -8.22 -11.24
N ASP B 71 13.33 -7.27 -12.16
CA ASP B 71 13.44 -5.86 -11.80
C ASP B 71 12.13 -5.22 -11.37
N VAL B 72 11.00 -5.89 -11.62
CA VAL B 72 9.73 -5.39 -11.15
C VAL B 72 9.24 -6.19 -9.95
N ILE B 73 10.05 -7.15 -9.52
CA ILE B 73 9.73 -7.96 -8.34
C ILE B 73 10.79 -7.89 -7.26
N GLN B 74 10.43 -7.34 -6.11
CA GLN B 74 11.36 -7.26 -4.99
C GLN B 74 10.86 -8.01 -3.75
N GLY B 75 11.80 -8.68 -3.07
CA GLY B 75 11.55 -9.21 -1.74
C GLY B 75 10.67 -10.43 -1.81
N GLY B 76 9.96 -10.69 -0.71
CA GLY B 76 8.98 -11.77 -0.70
C GLY B 76 9.65 -13.13 -0.70
N PHE B 77 8.87 -14.16 -0.99
CA PHE B 77 9.37 -15.51 -0.92
C PHE B 77 9.32 -16.21 -2.27
N TRP B 78 10.45 -16.81 -2.66
CA TRP B 78 10.52 -17.68 -3.83
C TRP B 78 9.95 -19.05 -3.47
N LEU B 79 8.88 -19.44 -4.15
CA LEU B 79 8.14 -20.66 -3.83
C LEU B 79 8.34 -21.75 -4.86
N ASP B 80 8.07 -21.42 -6.13
CA ASP B 80 8.11 -22.41 -7.21
C ASP B 80 7.37 -23.68 -6.84
N THR B 81 6.10 -23.54 -6.48
CA THR B 81 5.30 -24.68 -6.04
C THR B 81 4.10 -24.84 -6.96
N ASP B 82 3.48 -26.01 -6.93
CA ASP B 82 2.29 -26.25 -7.75
C ASP B 82 1.13 -25.39 -7.25
N PHE B 83 0.36 -24.86 -8.19
CA PHE B 83 -0.80 -24.06 -7.86
C PHE B 83 -1.90 -24.88 -7.20
N SER B 84 -2.70 -24.22 -6.37
CA SER B 84 -3.98 -24.74 -5.93
C SER B 84 -4.75 -23.57 -5.32
N ALA B 85 -6.06 -23.72 -5.23
CA ALA B 85 -6.87 -22.63 -4.73
C ALA B 85 -6.56 -22.38 -3.26
N GLU B 86 -6.41 -23.46 -2.51
CA GLU B 86 -6.18 -23.30 -1.08
C GLU B 86 -4.82 -22.63 -0.83
N LYS B 87 -3.79 -23.04 -1.55
CA LYS B 87 -2.50 -22.37 -1.44
C LYS B 87 -2.61 -20.88 -1.75
N LEU B 88 -3.28 -20.53 -2.85
CA LEU B 88 -3.39 -19.12 -3.23
C LEU B 88 -4.10 -18.34 -2.14
N TYR B 89 -5.14 -18.94 -1.59
CA TYR B 89 -5.89 -18.34 -0.49
C TYR B 89 -4.99 -18.03 0.71
N GLU B 90 -4.24 -19.05 1.14
CA GLU B 90 -3.41 -18.91 2.31
C GLU B 90 -2.32 -17.85 2.08
N LEU B 91 -1.77 -17.83 0.88
CA LEU B 91 -0.71 -16.89 0.58
C LEU B 91 -1.28 -15.48 0.52
N SER B 92 -2.60 -15.39 0.37
CA SER B 92 -3.24 -14.09 0.34
C SER B 92 -3.37 -13.42 1.69
N LYS B 93 -3.19 -14.19 2.76
CA LYS B 93 -3.24 -13.61 4.09
C LYS B 93 -2.05 -12.67 4.33
N MET B 94 -1.01 -12.79 3.52
CA MET B 94 0.19 -11.94 3.68
C MET B 94 0.08 -10.68 2.83
N ASP B 95 0.88 -9.67 3.16
CA ASP B 95 0.83 -8.42 2.40
C ASP B 95 1.48 -8.57 1.04
N GLY B 96 1.18 -7.66 0.14
CA GLY B 96 1.93 -7.59 -1.09
C GLY B 96 1.35 -8.48 -2.17
N ALA B 97 2.15 -8.81 -3.17
CA ALA B 97 1.63 -9.50 -4.35
C ALA B 97 2.08 -10.93 -4.43
N ILE B 98 1.36 -11.69 -5.25
CA ILE B 98 1.66 -13.07 -5.53
C ILE B 98 1.96 -13.19 -7.03
N VAL B 99 2.84 -14.12 -7.39
CA VAL B 99 3.23 -14.24 -8.78
C VAL B 99 2.94 -15.64 -9.30
N LEU B 100 2.14 -15.72 -10.35
CA LEU B 100 1.73 -17.01 -10.92
C LEU B 100 2.23 -17.19 -12.33
N SER B 101 2.30 -18.43 -12.76
CA SER B 101 2.54 -18.74 -14.16
C SER B 101 1.28 -18.39 -14.95
N GLU B 102 1.45 -17.99 -16.20
CA GLU B 102 0.31 -17.61 -17.05
C GLU B 102 -0.75 -18.70 -17.17
N ASP B 103 -0.33 -19.95 -17.15
CA ASP B 103 -1.29 -21.05 -17.25
C ASP B 103 -1.85 -21.44 -15.88
N ILE B 104 -1.51 -20.66 -14.85
CA ILE B 104 -2.03 -20.87 -13.50
C ILE B 104 -1.71 -22.29 -13.00
N THR B 105 -0.54 -22.79 -13.35
CA THR B 105 -0.09 -24.09 -12.84
C THR B 105 0.98 -23.95 -11.76
N LYS B 106 1.69 -22.82 -11.74
CA LYS B 106 2.71 -22.62 -10.73
C LYS B 106 2.50 -21.31 -9.95
N ILE B 107 2.72 -21.40 -8.64
CA ILE B 107 2.93 -20.22 -7.81
C ILE B 107 4.43 -19.94 -7.69
N TYR B 108 4.88 -18.82 -8.24
CA TYR B 108 6.31 -18.49 -8.19
C TYR B 108 6.72 -17.73 -6.94
N TYR B 109 6.04 -16.61 -6.66
CA TYR B 109 6.33 -15.77 -5.49
C TYR B 109 5.12 -15.47 -4.65
N ALA B 110 5.34 -15.21 -3.38
CA ALA B 110 4.35 -14.54 -2.56
C ALA B 110 5.00 -13.40 -1.82
N ASN B 111 4.16 -12.51 -1.30
CA ASN B 111 4.58 -11.41 -0.45
C ASN B 111 5.59 -10.49 -1.14
N VAL B 112 5.50 -10.32 -2.45
CA VAL B 112 6.48 -9.46 -3.12
C VAL B 112 5.99 -8.03 -3.24
N HIS B 113 6.96 -7.14 -3.42
CA HIS B 113 6.69 -5.76 -3.68
C HIS B 113 6.87 -5.60 -5.19
N LEU B 114 5.80 -5.22 -5.89
CA LEU B 114 5.85 -5.03 -7.32
C LEU B 114 6.17 -3.57 -7.66
N VAL B 115 7.21 -3.34 -8.46
CA VAL B 115 7.66 -1.97 -8.69
C VAL B 115 7.63 -1.51 -10.16
N PRO B 116 6.44 -1.30 -10.73
CA PRO B 116 6.40 -0.81 -12.11
C PRO B 116 6.82 0.66 -12.22
N ASP B 117 7.23 1.08 -13.41
CA ASP B 117 7.53 2.48 -13.70
C ASP B 117 6.36 3.37 -13.29
N PRO B 118 6.60 4.28 -12.32
CA PRO B 118 5.59 5.21 -11.80
C PRO B 118 5.30 6.42 -12.69
N THR B 119 5.97 6.53 -13.83
CA THR B 119 5.69 7.63 -14.73
C THR B 119 4.67 7.19 -15.75
N ILE B 120 4.34 5.91 -15.71
CA ILE B 120 3.31 5.40 -16.60
C ILE B 120 2.00 6.00 -16.12
N PRO B 121 1.24 6.57 -17.05
CA PRO B 121 -0.07 7.16 -16.70
C PRO B 121 -1.04 6.11 -16.20
N THR B 122 -1.81 6.45 -15.17
CA THR B 122 -2.80 5.55 -14.61
C THR B 122 -4.02 6.33 -14.20
N GLY B 123 -5.19 5.70 -14.32
CA GLY B 123 -6.43 6.37 -13.98
C GLY B 123 -7.04 5.78 -12.73
N GLU B 124 -6.29 4.88 -12.11
CA GLU B 124 -6.73 4.18 -10.90
C GLU B 124 -6.49 4.95 -9.63
N THR B 125 -7.25 4.58 -8.60
CA THR B 125 -7.15 5.14 -7.26
C THR B 125 -6.46 4.17 -6.31
N GLY B 126 -5.60 4.68 -5.43
CA GLY B 126 -5.01 3.87 -4.39
C GLY B 126 -3.89 3.03 -4.95
N THR B 127 -2.91 2.72 -4.11
CA THR B 127 -1.70 2.05 -4.57
C THR B 127 -1.91 0.67 -5.23
N ARG B 128 -2.88 -0.11 -4.78
CA ARG B 128 -3.04 -1.47 -5.32
C ARG B 128 -3.39 -1.43 -6.81
N HIS B 129 -4.36 -0.61 -7.18
CA HIS B 129 -4.85 -0.62 -8.55
C HIS B 129 -3.99 0.25 -9.49
N ARG B 130 -3.32 1.27 -8.93
CA ARG B 130 -2.34 2.03 -9.71
C ARG B 130 -1.16 1.15 -10.07
N THR B 131 -0.74 0.32 -9.11
CA THR B 131 0.35 -0.61 -9.31
C THR B 131 -0.05 -1.61 -10.38
N ALA B 132 -1.26 -2.15 -10.28
CA ALA B 132 -1.73 -3.19 -11.18
C ALA B 132 -1.84 -2.69 -12.65
N GLU B 133 -2.41 -1.50 -12.81
CA GLU B 133 -2.53 -0.89 -14.12
C GLU B 133 -1.17 -0.59 -14.73
N ARG B 134 -0.30 0.08 -13.97
CA ARG B 134 1.02 0.40 -14.50
C ARG B 134 1.77 -0.86 -14.91
N LEU B 135 1.70 -1.89 -14.08
CA LEU B 135 2.51 -3.09 -14.31
C LEU B 135 1.99 -3.85 -15.52
N ALA B 136 0.66 -3.93 -15.61
CA ALA B 136 0.04 -4.55 -16.76
C ALA B 136 0.39 -3.84 -18.08
N LYS B 137 0.58 -2.53 -18.05
CA LYS B 137 0.91 -1.79 -19.28
C LYS B 137 2.38 -1.92 -19.61
N GLN B 138 3.21 -1.91 -18.56
CA GLN B 138 4.64 -1.98 -18.70
C GLN B 138 5.11 -3.33 -19.26
N THR B 139 4.40 -4.40 -18.91
CA THR B 139 4.86 -5.75 -19.20
C THR B 139 3.96 -6.51 -20.14
N GLY B 140 2.82 -5.93 -20.50
CA GLY B 140 1.84 -6.62 -21.30
C GLY B 140 1.31 -7.90 -20.68
N LYS B 141 1.54 -8.11 -19.40
CA LYS B 141 1.01 -9.31 -18.75
C LYS B 141 -0.29 -9.02 -18.04
N VAL B 142 -0.92 -10.06 -17.54
CA VAL B 142 -2.11 -9.93 -16.72
C VAL B 142 -1.78 -9.58 -15.27
N VAL B 143 -2.52 -8.62 -14.73
CA VAL B 143 -2.46 -8.34 -13.30
C VAL B 143 -3.85 -8.31 -12.71
N ILE B 144 -4.10 -9.17 -11.75
CA ILE B 144 -5.38 -9.19 -11.10
C ILE B 144 -5.33 -8.42 -9.77
N ALA B 145 -6.30 -7.55 -9.53
CA ALA B 145 -6.37 -6.78 -8.29
C ALA B 145 -7.74 -6.87 -7.63
N VAL B 146 -7.71 -7.20 -6.35
CA VAL B 146 -8.90 -7.28 -5.51
C VAL B 146 -8.72 -6.44 -4.24
N SER B 147 -9.60 -5.45 -4.04
CA SER B 147 -9.57 -4.65 -2.80
C SER B 147 -10.16 -5.41 -1.62
N ARG B 148 -9.77 -5.03 -0.41
CA ARG B 148 -10.26 -5.71 0.79
C ARG B 148 -11.76 -5.49 0.96
N ARG B 149 -12.20 -4.24 0.87
CA ARG B 149 -13.62 -3.93 1.08
C ARG B 149 -14.52 -4.32 -0.08
N ARG B 150 -14.26 -3.73 -1.25
CA ARG B 150 -15.12 -3.93 -2.41
C ARG B 150 -14.99 -5.36 -2.93
N ASN B 151 -16.10 -5.93 -3.35
CA ASN B 151 -16.16 -7.35 -3.70
C ASN B 151 -16.02 -7.56 -5.21
N ILE B 152 -15.09 -6.83 -5.81
CA ILE B 152 -14.97 -6.77 -7.27
C ILE B 152 -13.58 -7.17 -7.77
N ILE B 153 -13.55 -7.91 -8.88
CA ILE B 153 -12.27 -8.36 -9.45
C ILE B 153 -11.90 -7.52 -10.66
N SER B 154 -10.81 -6.76 -10.56
CA SER B 154 -10.36 -5.97 -11.69
C SER B 154 -9.20 -6.67 -12.35
N LEU B 155 -9.23 -6.78 -13.67
CA LEU B 155 -8.17 -7.47 -14.41
C LEU B 155 -7.53 -6.52 -15.38
N TYR B 156 -6.25 -6.27 -15.20
CA TYR B 156 -5.51 -5.41 -16.11
C TYR B 156 -4.64 -6.24 -17.03
N TYR B 157 -4.65 -5.90 -18.31
CA TYR B 157 -3.85 -6.63 -19.27
C TYR B 157 -3.47 -5.67 -20.38
N LYS B 158 -2.17 -5.44 -20.56
CA LYS B 158 -1.72 -4.43 -21.51
C LYS B 158 -2.40 -3.11 -21.14
N ASN B 159 -3.21 -2.60 -22.05
CA ASN B 159 -3.91 -1.34 -21.86
C ASN B 159 -5.37 -1.55 -21.51
N TYR B 160 -5.79 -2.81 -21.44
CA TYR B 160 -7.17 -3.06 -21.07
C TYR B 160 -7.37 -3.10 -19.57
N LYS B 161 -8.62 -2.87 -19.20
CA LYS B 161 -9.08 -3.11 -17.85
C LYS B 161 -10.48 -3.70 -17.91
N TYR B 162 -10.66 -4.88 -17.34
CA TYR B 162 -11.97 -5.48 -17.34
C TYR B 162 -12.40 -5.82 -15.92
N VAL B 163 -13.56 -5.30 -15.53
CA VAL B 163 -14.09 -5.63 -14.23
C VAL B 163 -15.00 -6.82 -14.33
N VAL B 164 -14.72 -7.80 -13.49
CA VAL B 164 -15.48 -9.02 -13.44
C VAL B 164 -16.41 -8.99 -12.24
N ASN B 165 -17.68 -9.28 -12.48
CA ASN B 165 -18.72 -9.16 -11.46
C ASN B 165 -18.94 -10.45 -10.68
N GLN B 166 -19.60 -10.36 -9.53
CA GLN B 166 -19.92 -11.55 -8.78
C GLN B 166 -21.13 -12.26 -9.42
N VAL B 167 -21.26 -13.55 -9.17
CA VAL B 167 -22.27 -14.34 -9.84
C VAL B 167 -23.69 -13.87 -9.47
N ASP B 168 -23.90 -13.58 -8.20
CA ASP B 168 -25.08 -12.89 -7.68
C ASP B 168 -25.57 -11.81 -8.65
N PHE B 169 -24.68 -10.88 -8.98
CA PHE B 169 -25.00 -9.76 -9.81
C PHE B 169 -25.31 -10.16 -11.25
N LEU B 170 -24.57 -11.14 -11.74
CA LEU B 170 -24.73 -11.59 -13.13
C LEU B 170 -26.03 -12.35 -13.35
N ILE B 171 -26.30 -13.32 -12.48
CA ILE B 171 -27.54 -14.07 -12.50
C ILE B 171 -28.77 -13.17 -12.45
N SER B 172 -28.71 -12.12 -11.66
CA SER B 172 -29.84 -11.22 -11.57
C SER B 172 -30.09 -10.50 -12.90
N LYS B 173 -29.02 -9.95 -13.50
CA LYS B 173 -29.17 -9.25 -14.77
C LYS B 173 -29.60 -10.21 -15.87
N VAL B 174 -29.04 -11.41 -15.86
CA VAL B 174 -29.36 -12.40 -16.89
C VAL B 174 -30.81 -12.90 -16.76
N THR B 175 -31.25 -13.12 -15.53
CA THR B 175 -32.62 -13.53 -15.31
C THR B 175 -33.60 -12.43 -15.75
N GLN B 176 -33.26 -11.17 -15.50
CA GLN B 176 -34.08 -10.08 -15.99
C GLN B 176 -34.15 -10.10 -17.52
N ALA B 177 -33.03 -10.40 -18.14
CA ALA B 177 -32.93 -10.31 -19.60
C ALA B 177 -33.71 -11.44 -20.26
N ILE B 178 -33.60 -12.63 -19.69
CA ILE B 178 -34.32 -13.78 -20.21
C ILE B 178 -35.83 -13.52 -20.08
N SER B 179 -36.25 -12.91 -18.98
CA SER B 179 -37.66 -12.52 -18.81
C SER B 179 -38.06 -11.52 -19.86
N THR B 180 -37.17 -10.59 -20.14
CA THR B 180 -37.40 -9.62 -21.18
C THR B 180 -37.52 -10.32 -22.53
N LEU B 181 -36.60 -11.23 -22.80
CA LEU B 181 -36.61 -11.99 -24.03
C LEU B 181 -37.92 -12.73 -24.23
N GLU B 182 -38.43 -13.35 -23.16
CA GLU B 182 -39.68 -14.10 -23.20
C GLU B 182 -40.80 -13.28 -23.76
N LYS B 183 -40.89 -12.05 -23.28
CA LYS B 183 -41.97 -11.16 -23.65
C LYS B 183 -41.83 -10.70 -25.10
N TYR B 184 -40.60 -10.45 -25.54
CA TYR B 184 -40.36 -10.19 -26.96
C TYR B 184 -40.72 -11.38 -27.84
N LYS B 185 -40.43 -12.58 -27.35
CA LYS B 185 -40.66 -13.78 -28.12
C LYS B 185 -42.16 -14.02 -28.27
N ASP B 186 -42.91 -13.79 -27.18
CA ASP B 186 -44.36 -13.95 -27.23
C ASP B 186 -44.96 -13.03 -28.27
N ASN B 187 -44.55 -11.77 -28.21
CA ASN B 187 -45.05 -10.78 -29.14
C ASN B 187 -44.60 -11.12 -30.56
N PHE B 188 -43.42 -11.70 -30.68
CA PHE B 188 -42.95 -12.08 -32.00
C PHE B 188 -43.77 -13.25 -32.54
N ASN B 189 -44.19 -14.14 -31.65
CA ASN B 189 -44.97 -15.30 -32.05
C ASN B 189 -46.36 -14.87 -32.47
N LYS B 190 -46.93 -13.91 -31.74
CA LYS B 190 -48.23 -13.37 -32.08
C LYS B 190 -48.15 -12.70 -33.45
N LEU B 191 -47.11 -11.91 -33.67
CA LEU B 191 -46.97 -11.21 -34.93
C LEU B 191 -46.91 -12.21 -36.05
N LEU B 192 -46.16 -13.26 -35.80
CA LEU B 192 -45.82 -14.24 -36.83
C LEU B 192 -47.03 -15.09 -37.21
N SER B 193 -47.82 -15.47 -36.22
CA SER B 193 -48.98 -16.28 -36.51
C SER B 193 -50.07 -15.42 -37.13
N GLU B 194 -50.06 -14.13 -36.82
CA GLU B 194 -50.97 -13.23 -37.49
C GLU B 194 -50.59 -13.11 -38.95
N LEU B 195 -49.30 -12.87 -39.21
CA LEU B 195 -48.77 -12.80 -40.57
C LEU B 195 -49.01 -14.10 -41.35
N GLU B 196 -49.13 -15.20 -40.64
CA GLU B 196 -49.31 -16.50 -41.26
C GLU B 196 -50.69 -16.55 -41.92
N VAL B 197 -51.69 -16.06 -41.19
CA VAL B 197 -53.03 -15.96 -41.71
C VAL B 197 -53.00 -15.12 -42.95
N LEU B 198 -52.39 -13.93 -42.85
CA LEU B 198 -52.34 -13.00 -43.97
C LEU B 198 -51.61 -13.60 -45.17
N GLU B 199 -50.55 -14.34 -44.90
CA GLU B 199 -49.78 -14.94 -45.97
C GLU B 199 -50.59 -15.99 -46.74
N LEU B 200 -51.34 -16.81 -46.03
CA LEU B 200 -52.15 -17.85 -46.66
C LEU B 200 -53.32 -17.27 -47.44
N GLU B 201 -53.73 -16.06 -47.07
CA GLU B 201 -54.84 -15.39 -47.70
C GLU B 201 -54.37 -14.30 -48.68
N ASN B 202 -53.07 -14.21 -48.90
CA ASN B 202 -52.52 -13.24 -49.84
C ASN B 202 -53.01 -11.80 -49.59
N ARG B 203 -52.99 -11.40 -48.32
CA ARG B 203 -53.43 -10.08 -47.86
C ARG B 203 -52.33 -9.34 -47.11
N VAL B 204 -51.08 -9.60 -47.47
CA VAL B 204 -49.97 -9.06 -46.72
C VAL B 204 -49.57 -7.67 -47.22
N THR B 205 -49.36 -6.75 -46.30
CA THR B 205 -48.80 -5.45 -46.64
C THR B 205 -47.41 -5.33 -46.08
N LEU B 206 -46.65 -4.37 -46.58
CA LEU B 206 -45.26 -4.18 -46.15
C LEU B 206 -45.19 -3.90 -44.65
N ALA B 207 -46.24 -3.27 -44.12
CA ALA B 207 -46.32 -2.99 -42.70
C ALA B 207 -46.26 -4.29 -41.90
N ASP B 208 -47.04 -5.29 -42.31
CA ASP B 208 -47.09 -6.57 -41.61
C ASP B 208 -45.71 -7.25 -41.58
N VAL B 209 -45.00 -7.18 -42.69
CA VAL B 209 -43.68 -7.78 -42.80
C VAL B 209 -42.66 -7.05 -41.93
N VAL B 210 -42.58 -5.73 -42.13
CA VAL B 210 -41.61 -4.89 -41.44
C VAL B 210 -41.78 -5.00 -39.92
N ARG B 211 -43.03 -5.08 -39.49
CA ARG B 211 -43.36 -5.14 -38.07
C ARG B 211 -42.84 -6.44 -37.46
N THR B 212 -43.06 -7.52 -38.20
CA THR B 212 -42.66 -8.84 -37.76
C THR B 212 -41.14 -8.90 -37.67
N LEU B 213 -40.49 -8.50 -38.75
CA LEU B 213 -39.03 -8.44 -38.82
C LEU B 213 -38.42 -7.60 -37.68
N ALA B 214 -38.98 -6.43 -37.45
CA ALA B 214 -38.47 -5.54 -36.42
C ALA B 214 -38.44 -6.22 -35.06
N LYS B 215 -39.53 -6.90 -34.70
CA LYS B 215 -39.56 -7.55 -33.40
C LYS B 215 -38.52 -8.66 -33.33
N GLY B 216 -38.35 -9.40 -34.41
CA GLY B 216 -37.33 -10.42 -34.48
C GLY B 216 -35.94 -9.82 -34.30
N PHE B 217 -35.69 -8.74 -35.03
CA PHE B 217 -34.41 -8.06 -34.94
C PHE B 217 -34.11 -7.61 -33.51
N GLU B 218 -35.09 -6.98 -32.88
CA GLU B 218 -34.95 -6.50 -31.51
C GLU B 218 -34.68 -7.66 -30.53
N LEU B 219 -35.31 -8.79 -30.79
CA LEU B 219 -35.17 -9.95 -29.94
C LEU B 219 -33.72 -10.47 -29.97
N LEU B 220 -33.16 -10.58 -31.17
CA LEU B 220 -31.79 -11.07 -31.32
C LEU B 220 -30.76 -10.06 -30.80
N ARG B 221 -31.09 -8.78 -30.88
CA ARG B 221 -30.26 -7.71 -30.34
C ARG B 221 -30.07 -7.85 -28.83
N ILE B 222 -31.19 -8.05 -28.13
CA ILE B 222 -31.18 -8.26 -26.70
C ILE B 222 -30.24 -9.41 -26.37
N VAL B 223 -30.33 -10.47 -27.17
CA VAL B 223 -29.43 -11.61 -27.02
C VAL B 223 -27.98 -11.16 -27.17
N GLU B 224 -27.72 -10.33 -28.18
CA GLU B 224 -26.37 -9.84 -28.38
C GLU B 224 -25.91 -9.04 -27.19
N GLU B 225 -26.81 -8.25 -26.64
CA GLU B 225 -26.45 -7.37 -25.53
C GLU B 225 -26.08 -8.17 -24.28
N ILE B 226 -26.71 -9.31 -24.07
CA ILE B 226 -26.51 -10.04 -22.84
C ILE B 226 -25.36 -11.04 -22.92
N ARG B 227 -24.91 -11.37 -24.13
CA ARG B 227 -23.88 -12.38 -24.31
C ARG B 227 -22.62 -12.20 -23.44
N PRO B 228 -22.10 -10.96 -23.31
CA PRO B 228 -20.94 -10.83 -22.43
C PRO B 228 -21.20 -11.31 -20.99
N TYR B 229 -22.41 -11.05 -20.49
CA TYR B 229 -22.77 -11.50 -19.16
C TYR B 229 -22.79 -13.02 -19.06
N ILE B 230 -23.29 -13.66 -20.11
CA ILE B 230 -23.35 -15.12 -20.17
C ILE B 230 -21.95 -15.66 -20.13
N VAL B 231 -21.06 -15.02 -20.89
CA VAL B 231 -19.65 -15.37 -20.89
C VAL B 231 -19.03 -15.18 -19.50
N GLU B 232 -19.21 -14.01 -18.91
CA GLU B 232 -18.74 -13.76 -17.55
C GLU B 232 -19.25 -14.78 -16.52
N LEU B 233 -20.34 -15.48 -16.84
CA LEU B 233 -20.92 -16.40 -15.86
C LEU B 233 -20.22 -17.75 -15.87
N GLY B 234 -19.46 -18.02 -16.94
CA GLY B 234 -18.73 -19.27 -17.06
C GLY B 234 -19.61 -20.48 -16.81
N GLU B 235 -19.12 -21.41 -15.99
CA GLU B 235 -19.87 -22.62 -15.65
C GLU B 235 -21.23 -22.29 -15.11
N GLU B 236 -21.35 -21.16 -14.43
CA GLU B 236 -22.57 -20.80 -13.72
C GLU B 236 -23.68 -20.34 -14.67
N GLY B 237 -23.34 -20.30 -15.97
CA GLY B 237 -24.25 -19.83 -16.98
C GLY B 237 -24.65 -20.96 -17.91
N ARG B 238 -24.60 -22.19 -17.41
CA ARG B 238 -25.00 -23.29 -18.26
C ARG B 238 -26.50 -23.22 -18.54
N LEU B 239 -27.29 -23.06 -17.48
CA LEU B 239 -28.75 -22.99 -17.61
C LEU B 239 -29.20 -21.79 -18.43
N ALA B 240 -28.52 -20.65 -18.30
CA ALA B 240 -28.93 -19.48 -19.07
C ALA B 240 -28.69 -19.69 -20.56
N ARG B 241 -27.57 -20.33 -20.90
CA ARG B 241 -27.28 -20.68 -22.28
C ARG B 241 -28.40 -21.57 -22.85
N MET B 242 -28.80 -22.60 -22.11
CA MET B 242 -29.86 -23.47 -22.57
C MET B 242 -31.17 -22.72 -22.75
N GLN B 243 -31.47 -21.80 -21.82
CA GLN B 243 -32.70 -21.03 -21.90
C GLN B 243 -32.72 -20.13 -23.11
N LEU B 244 -31.57 -19.54 -23.43
CA LEU B 244 -31.49 -18.66 -24.60
C LEU B 244 -31.72 -19.46 -25.85
N ARG B 245 -31.11 -20.63 -25.91
CA ARG B 245 -31.14 -21.45 -27.10
C ARG B 245 -32.60 -21.88 -27.37
N GLU B 246 -33.33 -22.24 -26.32
CA GLU B 246 -34.72 -22.62 -26.46
C GLU B 246 -35.58 -21.47 -26.95
N LEU B 247 -35.29 -20.27 -26.46
CA LEU B 247 -36.07 -19.10 -26.82
C LEU B 247 -35.84 -18.64 -28.26
N THR B 248 -34.69 -18.99 -28.85
CA THR B 248 -34.26 -18.33 -30.07
C THR B 248 -33.81 -19.24 -31.20
N GLU B 249 -33.82 -20.55 -30.98
CA GLU B 249 -33.14 -21.48 -31.87
C GLU B 249 -33.43 -21.22 -33.37
N ASP B 250 -34.70 -21.23 -33.75
CA ASP B 250 -35.03 -21.15 -35.16
C ASP B 250 -35.43 -19.75 -35.63
N VAL B 251 -35.07 -18.73 -34.87
CA VAL B 251 -35.49 -17.37 -35.14
C VAL B 251 -34.65 -16.74 -36.25
N ASP B 252 -33.34 -16.93 -36.18
CA ASP B 252 -32.46 -16.47 -37.23
C ASP B 252 -32.92 -17.02 -38.58
N ASP B 253 -33.09 -18.34 -38.68
CA ASP B 253 -33.51 -18.95 -39.94
C ASP B 253 -34.82 -18.39 -40.42
N LEU B 254 -35.68 -18.10 -39.47
CA LEU B 254 -37.00 -17.63 -39.77
C LEU B 254 -36.96 -16.22 -40.36
N LEU B 255 -36.21 -15.33 -39.73
CA LEU B 255 -36.09 -13.97 -40.25
C LEU B 255 -35.42 -13.96 -41.63
N VAL B 256 -34.44 -14.82 -41.82
CA VAL B 256 -33.74 -14.89 -43.10
C VAL B 256 -34.74 -15.29 -44.19
N LEU B 257 -35.64 -16.21 -43.85
CA LEU B 257 -36.64 -16.64 -44.81
C LEU B 257 -37.69 -15.54 -45.09
N LEU B 258 -38.05 -14.76 -44.06
CA LEU B 258 -38.99 -13.68 -44.28
C LEU B 258 -38.41 -12.68 -45.29
N ILE B 259 -37.16 -12.32 -45.06
CA ILE B 259 -36.44 -11.39 -45.90
C ILE B 259 -36.37 -11.92 -47.33
N MET B 260 -36.16 -13.22 -47.45
CA MET B 260 -36.08 -13.82 -48.77
C MET B 260 -37.43 -13.75 -49.45
N ASP B 261 -38.50 -13.84 -48.66
CA ASP B 261 -39.85 -13.97 -49.19
C ASP B 261 -40.49 -12.65 -49.55
N TYR B 262 -39.98 -11.57 -48.98
CA TYR B 262 -40.68 -10.30 -49.07
C TYR B 262 -39.79 -9.16 -49.53
N SER B 263 -38.56 -9.46 -49.90
CA SER B 263 -37.69 -8.45 -50.47
C SER B 263 -38.24 -8.10 -51.83
N SER B 264 -38.12 -6.82 -52.19
CA SER B 264 -38.62 -6.31 -53.47
C SER B 264 -38.08 -7.08 -54.67
N GLU B 265 -36.77 -7.26 -54.72
CA GLU B 265 -36.15 -8.13 -55.72
C GLU B 265 -35.65 -9.38 -55.03
N GLU B 266 -35.52 -10.46 -55.79
CA GLU B 266 -35.04 -11.71 -55.23
C GLU B 266 -33.65 -11.53 -54.64
N VAL B 267 -33.30 -12.38 -53.66
CA VAL B 267 -32.02 -12.33 -52.96
C VAL B 267 -31.56 -13.74 -52.56
N GLU B 268 -30.26 -14.00 -52.65
CA GLU B 268 -29.70 -15.27 -52.19
C GLU B 268 -29.84 -15.42 -50.68
N GLU B 269 -29.68 -16.64 -50.18
CA GLU B 269 -29.63 -16.86 -48.73
C GLU B 269 -28.60 -15.94 -48.09
N GLU B 270 -27.42 -15.90 -48.70
CA GLU B 270 -26.28 -15.19 -48.12
C GLU B 270 -26.55 -13.71 -47.97
N THR B 271 -27.17 -13.11 -48.97
CA THR B 271 -27.53 -11.71 -48.89
C THR B 271 -28.47 -11.45 -47.72
N ALA B 272 -29.55 -12.23 -47.66
CA ALA B 272 -30.56 -12.05 -46.63
C ALA B 272 -29.92 -12.28 -45.26
N GLN B 273 -29.17 -13.37 -45.16
CA GLN B 273 -28.40 -13.69 -43.96
C GLN B 273 -27.53 -12.53 -43.49
N ASN B 274 -27.12 -11.67 -44.43
CA ASN B 274 -26.28 -10.53 -44.08
C ASN B 274 -27.10 -9.33 -43.66
N ILE B 275 -28.31 -9.23 -44.20
CA ILE B 275 -29.23 -8.20 -43.76
C ILE B 275 -29.63 -8.43 -42.30
N LEU B 276 -29.93 -9.70 -41.98
CA LEU B 276 -30.26 -10.09 -40.61
C LEU B 276 -29.13 -9.75 -39.69
N GLN B 277 -27.95 -10.24 -40.04
CA GLN B 277 -26.71 -9.95 -39.35
C GLN B 277 -26.55 -8.47 -39.03
N ASP B 278 -27.15 -7.60 -39.85
CA ASP B 278 -26.91 -6.18 -39.71
C ASP B 278 -27.94 -5.41 -38.88
N PHE B 279 -29.23 -5.75 -38.97
CA PHE B 279 -30.18 -4.99 -38.13
C PHE B 279 -30.02 -5.42 -36.65
N ILE B 280 -29.33 -6.54 -36.48
CA ILE B 280 -28.85 -6.98 -35.19
C ILE B 280 -27.65 -6.17 -34.67
N THR B 281 -26.75 -5.75 -35.56
CA THR B 281 -25.52 -5.06 -35.14
C THR B 281 -25.42 -3.62 -35.66
N ARG B 282 -24.93 -3.42 -36.89
CA ARG B 282 -24.55 -2.07 -37.36
C ARG B 282 -25.72 -1.08 -37.57
N ARG B 283 -26.89 -1.55 -38.00
CA ARG B 283 -28.01 -0.63 -38.27
C ARG B 283 -29.16 -0.81 -37.28
N GLU B 284 -29.75 0.29 -36.84
CA GLU B 284 -30.95 0.23 -36.00
C GLU B 284 -32.19 0.02 -36.88
N PRO B 285 -33.07 -0.91 -36.46
CA PRO B 285 -34.15 -1.38 -37.32
C PRO B 285 -35.44 -0.58 -37.21
N SER B 286 -35.49 0.58 -37.84
CA SER B 286 -36.73 1.36 -37.89
C SER B 286 -37.58 0.81 -39.02
N PRO B 287 -38.90 1.10 -39.00
CA PRO B 287 -39.76 0.62 -40.08
C PRO B 287 -39.22 1.01 -41.46
N ILE B 288 -39.05 2.32 -41.67
CA ILE B 288 -38.60 2.83 -42.95
C ILE B 288 -37.26 2.24 -43.33
N SER B 289 -36.38 2.10 -42.35
CA SER B 289 -35.07 1.55 -42.58
C SER B 289 -35.17 0.15 -43.19
N ILE B 290 -35.93 -0.71 -42.52
CA ILE B 290 -36.04 -2.11 -42.93
C ILE B 290 -36.64 -2.23 -44.32
N SER B 291 -37.64 -1.41 -44.61
CA SER B 291 -38.32 -1.48 -45.92
C SER B 291 -37.38 -0.99 -47.03
N ARG B 292 -36.69 0.11 -46.80
CA ARG B 292 -35.69 0.60 -47.74
C ARG B 292 -34.62 -0.45 -47.97
N VAL B 293 -34.10 -1.03 -46.90
CA VAL B 293 -33.11 -2.10 -47.04
C VAL B 293 -33.76 -3.29 -47.78
N LEU B 294 -35.08 -3.40 -47.70
CA LEU B 294 -35.79 -4.47 -48.40
C LEU B 294 -36.07 -4.18 -49.86
N GLY B 295 -35.63 -3.02 -50.35
CA GLY B 295 -35.78 -2.67 -51.75
C GLY B 295 -37.01 -1.85 -52.05
N TYR B 296 -37.62 -1.26 -51.04
CA TYR B 296 -38.85 -0.50 -51.23
C TYR B 296 -38.52 0.98 -50.98
N ASP B 297 -38.84 1.82 -51.95
CA ASP B 297 -38.55 3.24 -51.83
C ASP B 297 -39.70 3.88 -51.06
N VAL B 298 -39.60 3.91 -49.73
CA VAL B 298 -40.64 4.54 -48.92
C VAL B 298 -40.05 5.67 -48.08
N GLN B 299 -40.91 6.57 -47.64
CA GLN B 299 -40.48 7.73 -46.88
C GLN B 299 -41.16 7.80 -45.50
N GLN B 300 -42.45 7.53 -45.46
CA GLN B 300 -43.19 7.72 -44.22
C GLN B 300 -43.79 6.41 -43.68
N ALA B 301 -44.01 6.39 -42.37
CA ALA B 301 -44.63 5.25 -41.70
C ALA B 301 -45.92 4.82 -42.37
N ALA B 302 -46.89 5.73 -42.40
CA ALA B 302 -48.25 5.41 -42.83
C ALA B 302 -48.30 4.84 -44.25
N GLN B 303 -47.20 4.99 -44.98
CA GLN B 303 -47.17 4.55 -46.36
C GLN B 303 -47.05 3.03 -46.47
N LEU B 304 -46.45 2.38 -45.46
CA LEU B 304 -46.21 0.94 -45.48
C LEU B 304 -47.49 0.10 -45.52
N ASP B 305 -48.56 0.61 -44.93
CA ASP B 305 -49.83 -0.11 -44.95
C ASP B 305 -50.40 -0.20 -46.37
N ASP B 306 -49.98 0.69 -47.26
CA ASP B 306 -50.57 0.73 -48.58
C ASP B 306 -49.80 -0.09 -49.59
N VAL B 307 -48.65 -0.63 -49.17
CA VAL B 307 -47.77 -1.40 -50.05
C VAL B 307 -48.08 -2.88 -49.96
N LEU B 308 -48.64 -3.43 -51.02
CA LEU B 308 -49.05 -4.85 -51.01
C LEU B 308 -47.89 -5.74 -51.47
N VAL B 309 -47.73 -6.87 -50.80
CA VAL B 309 -46.60 -7.76 -51.07
C VAL B 309 -47.07 -9.19 -50.96
N SER B 310 -46.42 -10.06 -51.74
CA SER B 310 -46.71 -11.48 -51.73
C SER B 310 -45.44 -12.25 -51.54
N ALA B 311 -45.50 -13.25 -50.66
CA ALA B 311 -44.33 -14.05 -50.30
C ALA B 311 -44.00 -14.99 -51.45
N ARG B 312 -42.72 -15.18 -51.72
CA ARG B 312 -42.33 -16.08 -52.81
C ARG B 312 -42.61 -17.51 -52.39
N GLY B 313 -42.56 -17.77 -51.09
CA GLY B 313 -42.95 -19.07 -50.57
C GLY B 313 -41.82 -19.87 -49.95
N TYR B 314 -40.66 -19.27 -49.80
CA TYR B 314 -39.50 -19.97 -49.23
C TYR B 314 -39.76 -20.43 -47.79
N ARG B 315 -40.36 -19.56 -46.97
CA ARG B 315 -40.54 -19.88 -45.57
C ARG B 315 -41.34 -21.17 -45.36
N LEU B 316 -42.44 -21.33 -46.08
CA LEU B 316 -43.24 -22.53 -45.86
C LEU B 316 -42.63 -23.74 -46.57
N LEU B 317 -41.96 -23.50 -47.70
CA LEU B 317 -41.34 -24.58 -48.47
C LEU B 317 -40.26 -25.29 -47.67
N LYS B 318 -39.43 -24.51 -46.98
CA LYS B 318 -38.37 -25.07 -46.16
C LYS B 318 -38.94 -25.56 -44.84
N THR B 319 -39.55 -24.64 -44.10
CA THR B 319 -40.00 -24.95 -42.75
C THR B 319 -41.06 -26.04 -42.71
N VAL B 320 -42.07 -25.94 -43.57
CA VAL B 320 -43.23 -26.82 -43.46
C VAL B 320 -43.15 -27.97 -44.44
N ALA B 321 -42.84 -27.67 -45.70
CA ALA B 321 -42.72 -28.71 -46.72
C ALA B 321 -41.37 -29.40 -46.66
N ARG B 322 -40.47 -28.89 -45.83
CA ARG B 322 -39.15 -29.49 -45.62
C ARG B 322 -38.44 -29.70 -46.94
N ILE B 323 -38.68 -28.76 -47.86
CA ILE B 323 -37.97 -28.68 -49.12
C ILE B 323 -36.71 -27.88 -48.94
N PRO B 324 -35.56 -28.47 -49.31
CA PRO B 324 -34.26 -27.78 -49.24
C PRO B 324 -34.29 -26.47 -50.01
N LEU B 325 -33.72 -25.43 -49.43
CA LEU B 325 -33.66 -24.11 -50.07
C LEU B 325 -32.94 -24.13 -51.39
N SER B 326 -32.03 -25.10 -51.51
CA SER B 326 -31.49 -25.56 -52.79
C SER B 326 -32.53 -25.66 -53.91
N ILE B 327 -33.53 -26.51 -53.68
CA ILE B 327 -34.56 -26.82 -54.67
C ILE B 327 -35.69 -25.81 -54.57
N GLY B 328 -35.76 -25.11 -53.44
CA GLY B 328 -36.74 -24.07 -53.23
C GLY B 328 -36.78 -23.08 -54.38
N TYR B 329 -35.61 -22.56 -54.75
CA TYR B 329 -35.49 -21.60 -55.83
C TYR B 329 -36.20 -22.12 -57.07
N ASN B 330 -35.96 -23.39 -57.40
CA ASN B 330 -36.57 -23.94 -58.61
C ASN B 330 -38.08 -23.81 -58.55
N VAL B 331 -38.66 -24.16 -57.41
CA VAL B 331 -40.12 -24.09 -57.25
C VAL B 331 -40.61 -22.65 -57.36
N VAL B 332 -39.86 -21.73 -56.75
CA VAL B 332 -40.21 -20.32 -56.79
C VAL B 332 -40.14 -19.78 -58.22
N ARG B 333 -39.02 -20.01 -58.90
CA ARG B 333 -38.80 -19.46 -60.24
C ARG B 333 -39.87 -19.93 -61.20
N MET B 334 -40.46 -21.09 -60.95
CA MET B 334 -41.55 -21.52 -61.81
C MET B 334 -42.86 -20.85 -61.45
N PHE B 335 -43.18 -20.78 -60.15
CA PHE B 335 -44.48 -20.29 -59.71
C PHE B 335 -44.49 -18.86 -59.20
N LYS B 336 -43.31 -18.30 -58.96
CA LYS B 336 -43.15 -16.89 -58.58
C LYS B 336 -43.63 -16.59 -57.15
N THR B 337 -44.82 -17.06 -56.77
CA THR B 337 -45.32 -16.82 -55.40
C THR B 337 -46.01 -18.00 -54.73
N LEU B 338 -46.07 -17.90 -53.40
CA LEU B 338 -46.76 -18.87 -52.57
C LEU B 338 -48.23 -19.05 -52.96
N ASP B 339 -48.85 -17.95 -53.38
CA ASP B 339 -50.24 -18.01 -53.80
C ASP B 339 -50.43 -18.95 -55.01
N GLN B 340 -49.54 -18.85 -55.99
CA GLN B 340 -49.52 -19.79 -57.12
C GLN B 340 -49.26 -21.20 -56.62
N ILE B 341 -48.16 -21.36 -55.89
CA ILE B 341 -47.76 -22.66 -55.38
C ILE B 341 -48.91 -23.35 -54.65
N SER B 342 -49.70 -22.58 -53.91
CA SER B 342 -50.79 -23.15 -53.15
C SER B 342 -51.87 -23.72 -54.08
N LYS B 343 -51.90 -23.27 -55.33
CA LYS B 343 -52.91 -23.72 -56.29
C LYS B 343 -52.44 -24.89 -57.17
N ALA B 344 -51.13 -24.99 -57.35
CA ALA B 344 -50.52 -26.05 -58.16
C ALA B 344 -50.98 -27.46 -57.77
N SER B 345 -51.25 -28.26 -58.81
CA SER B 345 -51.50 -29.69 -58.63
C SER B 345 -50.19 -30.40 -58.37
N VAL B 346 -50.29 -31.64 -57.90
CA VAL B 346 -49.10 -32.46 -57.68
C VAL B 346 -48.35 -32.55 -59.01
N GLU B 347 -49.12 -32.90 -60.05
CA GLU B 347 -48.62 -32.98 -61.41
C GLU B 347 -47.95 -31.69 -61.83
N ASP B 348 -48.63 -30.56 -61.62
CA ASP B 348 -48.01 -29.24 -61.84
C ASP B 348 -46.69 -29.12 -61.08
N LEU B 349 -46.74 -29.33 -59.76
CA LEU B 349 -45.55 -29.22 -58.92
C LEU B 349 -44.44 -30.15 -59.38
N LYS B 350 -44.81 -31.35 -59.79
CA LYS B 350 -43.83 -32.36 -60.22
C LYS B 350 -43.03 -31.89 -61.43
N LYS B 351 -43.64 -31.05 -62.26
CA LYS B 351 -42.93 -30.44 -63.40
C LYS B 351 -41.68 -29.61 -63.02
N VAL B 352 -41.49 -29.35 -61.73
CA VAL B 352 -40.30 -28.63 -61.26
C VAL B 352 -39.15 -29.62 -61.14
N GLU B 353 -37.94 -29.15 -61.38
CA GLU B 353 -36.75 -29.97 -61.17
C GLU B 353 -36.35 -29.85 -59.73
N GLY B 354 -35.97 -30.97 -59.14
CA GLY B 354 -35.56 -30.98 -57.75
C GLY B 354 -36.68 -31.51 -56.86
N ILE B 355 -37.89 -31.60 -57.40
CA ILE B 355 -38.95 -32.20 -56.63
C ILE B 355 -39.59 -33.28 -57.47
N GLY B 356 -39.72 -34.45 -56.85
CA GLY B 356 -40.36 -35.58 -57.49
C GLY B 356 -41.75 -35.79 -56.94
N GLU B 357 -42.10 -37.06 -56.79
CA GLU B 357 -43.43 -37.48 -56.38
C GLU B 357 -43.66 -37.18 -54.89
N LYS B 358 -42.65 -37.50 -54.08
CA LYS B 358 -42.71 -37.32 -52.63
C LYS B 358 -42.75 -35.85 -52.23
N ARG B 359 -41.91 -35.05 -52.86
CA ARG B 359 -41.84 -33.63 -52.55
C ARG B 359 -43.07 -32.86 -53.07
N ALA B 360 -43.68 -33.38 -54.13
CA ALA B 360 -44.87 -32.74 -54.66
C ALA B 360 -45.98 -32.82 -53.63
N ARG B 361 -46.27 -34.03 -53.18
CA ARG B 361 -47.31 -34.23 -52.17
C ARG B 361 -46.95 -33.51 -50.86
N ALA B 362 -45.68 -33.44 -50.52
CA ALA B 362 -45.25 -32.71 -49.32
C ALA B 362 -45.65 -31.25 -49.40
N ILE B 363 -45.45 -30.63 -50.56
CA ILE B 363 -45.78 -29.22 -50.72
C ILE B 363 -47.31 -28.98 -50.77
N SER B 364 -48.02 -29.74 -51.60
CA SER B 364 -49.43 -29.48 -51.72
C SER B 364 -50.16 -29.84 -50.44
N GLU B 365 -49.75 -30.92 -49.78
CA GLU B 365 -50.44 -31.32 -48.54
C GLU B 365 -50.11 -30.34 -47.40
N SER B 366 -48.85 -29.92 -47.34
CA SER B 366 -48.47 -28.91 -46.36
C SER B 366 -49.33 -27.67 -46.44
N ILE B 367 -49.41 -27.11 -47.64
CA ILE B 367 -50.07 -25.84 -47.85
C ILE B 367 -51.57 -26.02 -47.70
N SER B 368 -52.05 -27.14 -48.20
CA SER B 368 -53.46 -27.45 -48.10
C SER B 368 -53.85 -27.58 -46.64
N SER B 369 -53.01 -28.25 -45.86
CA SER B 369 -53.29 -28.44 -44.44
C SER B 369 -53.33 -27.12 -43.67
N LEU B 370 -52.35 -26.25 -43.92
CA LEU B 370 -52.30 -24.94 -43.25
C LEU B 370 -53.48 -24.05 -43.57
N LYS B 371 -53.90 -24.04 -44.84
CA LYS B 371 -55.01 -23.18 -45.25
C LYS B 371 -56.30 -23.61 -44.61
N HIS B 372 -56.50 -24.92 -44.49
CA HIS B 372 -57.75 -25.43 -43.92
C HIS B 372 -57.76 -25.27 -42.40
N ARG B 373 -56.58 -25.24 -41.79
CA ARG B 373 -56.51 -25.08 -40.34
C ARG B 373 -56.50 -23.62 -39.90
N LYS B 374 -55.82 -22.75 -40.64
CA LYS B 374 -55.78 -21.32 -40.28
C LYS B 374 -56.80 -20.49 -41.06
N THR B 375 -57.78 -21.15 -41.69
CA THR B 375 -58.88 -20.42 -42.32
C THR B 375 -60.19 -21.24 -42.25
PG APC C . 0.29 -2.40 9.61
O1G APC C . -0.77 -3.36 9.09
O2G APC C . 1.22 -3.03 10.62
O3G APC C . -0.42 -1.22 10.25
PB APC C . 0.70 -0.89 7.41
O1B APC C . -0.43 -1.45 6.56
O2B APC C . 0.18 0.37 8.07
O3B APC C . 1.15 -1.91 8.45
PA APC C . 1.87 -0.63 4.67
O1A APC C . 1.05 -1.82 4.21
O2A APC C . 3.21 -0.65 3.96
C3A APC C . 2.23 -0.58 6.47
O5' APC C . 1.05 0.72 4.30
C5' APC C . -0.14 0.65 3.50
C4' APC C . -0.68 2.10 3.35
O4' APC C . 0.27 3.01 3.48
C3' APC C . -1.19 2.28 1.94
O3' APC C . -2.46 1.83 1.83
C2' APC C . -1.06 3.81 1.75
O2' APC C . -2.27 4.47 2.33
C1' APC C . 0.04 4.14 2.36
N9 APC C . 1.06 4.02 1.36
C8 APC C . 1.88 2.97 1.08
N7 APC C . 2.66 3.29 0.03
C5 APC C . 2.34 4.57 -0.35
C6 APC C . 2.83 5.36 -1.35
N6 APC C . 3.84 5.22 -2.36
N1 APC C . 2.32 6.61 -1.53
C2 APC C . 1.31 7.07 -0.72
N3 APC C . 0.83 6.27 0.28
C4 APC C . 1.34 5.02 0.46
PG APC D . -10.07 -0.10 -0.27
O1G APC D . -11.41 -0.56 -0.79
O2G APC D . -9.90 1.38 -0.55
O3G APC D . -9.97 -0.42 1.22
PB APC D . -7.82 -1.69 -0.33
O1B APC D . -8.26 -3.10 -0.02
O2B APC D . -7.35 -1.07 0.97
O3B APC D . -8.95 -0.88 -0.99
PA APC D . -5.25 -0.38 -1.40
O1A APC D . -5.30 0.56 -2.57
O2A APC D . -5.34 0.46 -0.13
C3A APC D . -6.54 -1.67 -1.61
O5' APC D . -3.83 -1.17 -1.38
C5' APC D . -3.17 -1.42 -0.12
C4' APC D . -2.51 -2.84 -0.12
O4' APC D . -2.41 -3.37 -1.32
C3' APC D . -1.07 -2.69 0.34
O3' APC D . -1.02 -2.74 1.69
C2' APC D . -0.35 -3.90 -0.32
O2' APC D . -0.34 -5.09 0.59
C1' APC D . -0.97 -4.10 -1.45
N9 APC D . -0.18 -3.37 -2.37
C8 APC D . -0.37 -2.07 -2.75
N7 APC D . 0.63 -1.73 -3.59
C5 APC D . 1.45 -2.80 -3.73
C6 APC D . 2.61 -2.97 -4.48
N6 APC D . 3.36 -2.11 -5.36
N1 APC D . 3.27 -4.14 -4.47
C2 APC D . 2.78 -5.16 -3.70
N3 APC D . 1.63 -5.01 -2.94
C4 APC D . 0.97 -3.81 -2.97
#